data_178D
# 
_entry.id   178D 
# 
_audit_conform.dict_name       mmcif_pdbx.dic 
_audit_conform.dict_version    5.385 
_audit_conform.dict_location   http://mmcif.pdb.org/dictionaries/ascii/mmcif_pdbx.dic 
# 
loop_
_database_2.database_id 
_database_2.database_code 
_database_2.pdbx_database_accession 
_database_2.pdbx_DOI 
PDB   178D         pdb_0000178d 10.2210/pdb178d/pdb 
RCSB  BDLB56       ?            ?                   
WWPDB D_1000170173 ?            ?                   
# 
loop_
_pdbx_audit_revision_history.ordinal 
_pdbx_audit_revision_history.data_content_type 
_pdbx_audit_revision_history.major_revision 
_pdbx_audit_revision_history.minor_revision 
_pdbx_audit_revision_history.revision_date 
1 'Structure model' 1 0 1994-10-04 
2 'Structure model' 1 1 2008-05-22 
3 'Structure model' 1 2 2011-07-13 
4 'Structure model' 1 3 2024-02-07 
# 
_pdbx_audit_revision_details.ordinal             1 
_pdbx_audit_revision_details.revision_ordinal    1 
_pdbx_audit_revision_details.data_content_type   'Structure model' 
_pdbx_audit_revision_details.provider            repository 
_pdbx_audit_revision_details.type                'Initial release' 
_pdbx_audit_revision_details.description         ? 
_pdbx_audit_revision_details.details             ? 
# 
loop_
_pdbx_audit_revision_group.ordinal 
_pdbx_audit_revision_group.revision_ordinal 
_pdbx_audit_revision_group.data_content_type 
_pdbx_audit_revision_group.group 
1 2 'Structure model' 'Version format compliance' 
2 3 'Structure model' 'Version format compliance' 
3 4 'Structure model' 'Data collection'           
4 4 'Structure model' 'Database references'       
5 4 'Structure model' 'Derived calculations'      
# 
loop_
_pdbx_audit_revision_category.ordinal 
_pdbx_audit_revision_category.revision_ordinal 
_pdbx_audit_revision_category.data_content_type 
_pdbx_audit_revision_category.category 
1 4 'Structure model' chem_comp_atom 
2 4 'Structure model' chem_comp_bond 
3 4 'Structure model' database_2     
4 4 'Structure model' struct_conn    
# 
loop_
_pdbx_audit_revision_item.ordinal 
_pdbx_audit_revision_item.revision_ordinal 
_pdbx_audit_revision_item.data_content_type 
_pdbx_audit_revision_item.item 
1 4 'Structure model' '_database_2.pdbx_DOI'                
2 4 'Structure model' '_database_2.pdbx_database_accession' 
3 4 'Structure model' '_struct_conn.pdbx_leaving_atom_flag' 
# 
_pdbx_database_status.status_code                     REL 
_pdbx_database_status.entry_id                        178D 
_pdbx_database_status.recvd_initial_deposition_date   1994-05-19 
_pdbx_database_status.deposit_site                    BNL 
_pdbx_database_status.process_site                    NDB 
_pdbx_database_status.status_code_sf                  REL 
_pdbx_database_status.status_code_mr                  ? 
_pdbx_database_status.SG_entry                        ? 
_pdbx_database_status.pdb_format_compatible           Y 
_pdbx_database_status.status_code_cs                  ? 
_pdbx_database_status.status_code_nmr_data            ? 
_pdbx_database_status.methods_development_category    ? 
# 
loop_
_audit_author.name 
_audit_author.pdbx_ordinal 
'McAuley-Hecht, K.E.' 1 
'Leonard, G.A.'       2 
'Gibson, N.J.'        3 
'Thomson, J.B.'       4 
'Watson, W.P.'        5 
'Hunter, W.N.'        6 
'Brown, T.'           7 
# 
_citation.id                        primary 
_citation.title                     'Crystal structure of a DNA duplex containing 8-hydroxydeoxyguanine-adenine base pairs.' 
_citation.journal_abbrev            Biochemistry 
_citation.journal_volume            33 
_citation.page_first                10266 
_citation.page_last                 10270 
_citation.year                      1994 
_citation.journal_id_ASTM           BICHAW 
_citation.country                   US 
_citation.journal_id_ISSN           0006-2960 
_citation.journal_id_CSD            0033 
_citation.book_publisher            ? 
_citation.pdbx_database_id_PubMed   8068665 
_citation.pdbx_database_id_DOI      10.1021/bi00200a006 
# 
loop_
_citation_author.citation_id 
_citation_author.name 
_citation_author.ordinal 
_citation_author.identifier_ORCID 
primary 'McAuley-Hecht, K.E.' 1 ? 
primary 'Leonard, G.A.'       2 ? 
primary 'Gibson, N.J.'        3 ? 
primary 'Thomson, J.B.'       4 ? 
primary 'Watson, W.P.'        5 ? 
primary 'Hunter, W.N.'        6 ? 
primary 'Brown, T.'           7 ? 
# 
loop_
_entity.id 
_entity.type 
_entity.src_method 
_entity.pdbx_description 
_entity.formula_weight 
_entity.pdbx_number_of_molecules 
_entity.pdbx_ec 
_entity.pdbx_mutation 
_entity.pdbx_fragment 
_entity.details 
1 polymer syn 
;DNA (5'-D(*CP*GP*CP*AP*AP*AP*TP*TP*(8OG)P*GP*CP*G)-3')
;
3703.417 2  ? ? ? ? 
2 water   nat water                                                    18.015   72 ? ? ? ? 
# 
_entity_poly.entity_id                      1 
_entity_poly.type                           polydeoxyribonucleotide 
_entity_poly.nstd_linkage                   no 
_entity_poly.nstd_monomer                   yes 
_entity_poly.pdbx_seq_one_letter_code       '(DC)(DG)(DC)(DA)(DA)(DA)(DT)(DT)(8OG)(DG)(DC)(DG)' 
_entity_poly.pdbx_seq_one_letter_code_can   CGCAAATTGGCG 
_entity_poly.pdbx_strand_id                 A,B 
_entity_poly.pdbx_target_identifier         ? 
# 
_pdbx_entity_nonpoly.entity_id   2 
_pdbx_entity_nonpoly.name        water 
_pdbx_entity_nonpoly.comp_id     HOH 
# 
loop_
_entity_poly_seq.entity_id 
_entity_poly_seq.num 
_entity_poly_seq.mon_id 
_entity_poly_seq.hetero 
1 1  DC  n 
1 2  DG  n 
1 3  DC  n 
1 4  DA  n 
1 5  DA  n 
1 6  DA  n 
1 7  DT  n 
1 8  DT  n 
1 9  8OG n 
1 10 DG  n 
1 11 DC  n 
1 12 DG  n 
# 
loop_
_chem_comp.id 
_chem_comp.type 
_chem_comp.mon_nstd_flag 
_chem_comp.name 
_chem_comp.pdbx_synonyms 
_chem_comp.formula 
_chem_comp.formula_weight 
8OG 'DNA linking' n "8-OXO-2'-DEOXY-GUANOSINE-5'-MONOPHOSPHATE" "8-OXO-7,8-DIHYDRO-2'-DEOXY-GUANOSINE-5'-MONOPHOSPHATE" 
'C10 H14 N5 O8 P' 363.221 
DA  'DNA linking' y "2'-DEOXYADENOSINE-5'-MONOPHOSPHATE"        ?                                                       
'C10 H14 N5 O6 P' 331.222 
DC  'DNA linking' y "2'-DEOXYCYTIDINE-5'-MONOPHOSPHATE"         ?                                                       
'C9 H14 N3 O7 P'  307.197 
DG  'DNA linking' y "2'-DEOXYGUANOSINE-5'-MONOPHOSPHATE"        ?                                                       
'C10 H14 N5 O7 P' 347.221 
DT  'DNA linking' y "THYMIDINE-5'-MONOPHOSPHATE"                ?                                                       
'C10 H15 N2 O8 P' 322.208 
HOH non-polymer   . WATER                                       ?                                                       'H2 O' 
18.015  
# 
loop_
_pdbx_poly_seq_scheme.asym_id 
_pdbx_poly_seq_scheme.entity_id 
_pdbx_poly_seq_scheme.seq_id 
_pdbx_poly_seq_scheme.mon_id 
_pdbx_poly_seq_scheme.ndb_seq_num 
_pdbx_poly_seq_scheme.pdb_seq_num 
_pdbx_poly_seq_scheme.auth_seq_num 
_pdbx_poly_seq_scheme.pdb_mon_id 
_pdbx_poly_seq_scheme.auth_mon_id 
_pdbx_poly_seq_scheme.pdb_strand_id 
_pdbx_poly_seq_scheme.pdb_ins_code 
_pdbx_poly_seq_scheme.hetero 
A 1 1  DC  1  1  1  DC  C  A . n 
A 1 2  DG  2  2  2  DG  G  A . n 
A 1 3  DC  3  3  3  DC  C  A . n 
A 1 4  DA  4  4  4  DA  A  A . n 
A 1 5  DA  5  5  5  DA  A  A . n 
A 1 6  DA  6  6  6  DA  A  A . n 
A 1 7  DT  7  7  7  DT  T  A . n 
A 1 8  DT  8  8  8  DT  T  A . n 
A 1 9  8OG 9  9  9  8OG +G A . n 
A 1 10 DG  10 10 10 DG  G  A . n 
A 1 11 DC  11 11 11 DC  C  A . n 
A 1 12 DG  12 12 12 DG  G  A . n 
B 1 1  DC  1  13 13 DC  C  B . n 
B 1 2  DG  2  14 14 DG  G  B . n 
B 1 3  DC  3  15 15 DC  C  B . n 
B 1 4  DA  4  16 16 DA  A  B . n 
B 1 5  DA  5  17 17 DA  A  B . n 
B 1 6  DA  6  18 18 DA  A  B . n 
B 1 7  DT  7  19 19 DT  T  B . n 
B 1 8  DT  8  20 20 DT  T  B . n 
B 1 9  8OG 9  21 21 8OG +G B . n 
B 1 10 DG  10 22 22 DG  G  B . n 
B 1 11 DC  11 23 23 DC  C  B . n 
B 1 12 DG  12 24 24 DG  G  B . n 
# 
loop_
_pdbx_nonpoly_scheme.asym_id 
_pdbx_nonpoly_scheme.entity_id 
_pdbx_nonpoly_scheme.mon_id 
_pdbx_nonpoly_scheme.ndb_seq_num 
_pdbx_nonpoly_scheme.pdb_seq_num 
_pdbx_nonpoly_scheme.auth_seq_num 
_pdbx_nonpoly_scheme.pdb_mon_id 
_pdbx_nonpoly_scheme.auth_mon_id 
_pdbx_nonpoly_scheme.pdb_strand_id 
_pdbx_nonpoly_scheme.pdb_ins_code 
C 2 HOH 1  26 26 HOH HOH A . 
C 2 HOH 2  28 28 HOH HOH A . 
C 2 HOH 3  29 29 HOH HOH A . 
C 2 HOH 4  31 31 HOH HOH A . 
C 2 HOH 5  33 33 HOH HOH A . 
C 2 HOH 6  34 34 HOH HOH A . 
C 2 HOH 7  35 35 HOH HOH A . 
C 2 HOH 8  37 37 HOH HOH A . 
C 2 HOH 9  38 38 HOH HOH A . 
C 2 HOH 10 39 39 HOH HOH A . 
C 2 HOH 11 41 41 HOH HOH A . 
C 2 HOH 12 44 44 HOH HOH A . 
C 2 HOH 13 46 46 HOH HOH A . 
C 2 HOH 14 48 48 HOH HOH A . 
C 2 HOH 15 49 49 HOH HOH A . 
C 2 HOH 16 50 50 HOH HOH A . 
C 2 HOH 17 52 52 HOH HOH A . 
C 2 HOH 18 53 53 HOH HOH A . 
C 2 HOH 19 54 54 HOH HOH A . 
C 2 HOH 20 55 55 HOH HOH A . 
C 2 HOH 21 56 56 HOH HOH A . 
C 2 HOH 22 57 57 HOH HOH A . 
C 2 HOH 23 58 58 HOH HOH A . 
C 2 HOH 24 59 59 HOH HOH A . 
C 2 HOH 25 60 60 HOH HOH A . 
C 2 HOH 26 61 61 HOH HOH A . 
C 2 HOH 27 65 65 HOH HOH A . 
C 2 HOH 28 66 66 HOH HOH A . 
C 2 HOH 29 67 67 HOH HOH A . 
C 2 HOH 30 70 70 HOH HOH A . 
C 2 HOH 31 71 71 HOH HOH A . 
C 2 HOH 32 72 72 HOH HOH A . 
C 2 HOH 33 80 80 HOH HOH A . 
C 2 HOH 34 82 82 HOH HOH A . 
C 2 HOH 35 84 84 HOH HOH A . 
C 2 HOH 36 85 85 HOH HOH A . 
C 2 HOH 37 86 86 HOH HOH A . 
C 2 HOH 38 90 90 HOH HOH A . 
C 2 HOH 39 92 92 HOH HOH A . 
C 2 HOH 40 96 96 HOH HOH A . 
D 2 HOH 1  25 25 HOH HOH B . 
D 2 HOH 2  27 27 HOH HOH B . 
D 2 HOH 3  30 30 HOH HOH B . 
D 2 HOH 4  32 32 HOH HOH B . 
D 2 HOH 5  36 36 HOH HOH B . 
D 2 HOH 6  40 40 HOH HOH B . 
D 2 HOH 7  42 42 HOH HOH B . 
D 2 HOH 8  43 43 HOH HOH B . 
D 2 HOH 9  45 45 HOH HOH B . 
D 2 HOH 10 47 47 HOH HOH B . 
D 2 HOH 11 51 51 HOH HOH B . 
D 2 HOH 12 62 62 HOH HOH B . 
D 2 HOH 13 63 63 HOH HOH B . 
D 2 HOH 14 64 64 HOH HOH B . 
D 2 HOH 15 68 68 HOH HOH B . 
D 2 HOH 16 69 69 HOH HOH B . 
D 2 HOH 17 73 73 HOH HOH B . 
D 2 HOH 18 74 74 HOH HOH B . 
D 2 HOH 19 75 75 HOH HOH B . 
D 2 HOH 20 76 76 HOH HOH B . 
D 2 HOH 21 77 77 HOH HOH B . 
D 2 HOH 22 78 78 HOH HOH B . 
D 2 HOH 23 79 79 HOH HOH B . 
D 2 HOH 24 81 81 HOH HOH B . 
D 2 HOH 25 83 83 HOH HOH B . 
D 2 HOH 26 87 87 HOH HOH B . 
D 2 HOH 27 88 88 HOH HOH B . 
D 2 HOH 28 89 89 HOH HOH B . 
D 2 HOH 29 91 91 HOH HOH B . 
D 2 HOH 30 93 93 HOH HOH B . 
D 2 HOH 31 94 94 HOH HOH B . 
D 2 HOH 32 95 95 HOH HOH B . 
# 
_software.name             NUCLSQ 
_software.classification   refinement 
_software.version          . 
_software.citation_id      ? 
_software.pdbx_ordinal     1 
# 
_cell.entry_id           178D 
_cell.length_a           24.670 
_cell.length_b           40.490 
_cell.length_c           65.140 
_cell.angle_alpha        90.00 
_cell.angle_beta         90.00 
_cell.angle_gamma        90.00 
_cell.Z_PDB              8 
_cell.pdbx_unique_axis   ? 
_cell.length_a_esd       ? 
_cell.length_b_esd       ? 
_cell.length_c_esd       ? 
_cell.angle_alpha_esd    ? 
_cell.angle_beta_esd     ? 
_cell.angle_gamma_esd    ? 
# 
_symmetry.entry_id                         178D 
_symmetry.space_group_name_H-M             'P 21 21 21' 
_symmetry.pdbx_full_space_group_name_H-M   ? 
_symmetry.cell_setting                     ? 
_symmetry.Int_Tables_number                19 
_symmetry.space_group_name_Hall            ? 
# 
_exptl.entry_id          178D 
_exptl.method            'X-RAY DIFFRACTION' 
_exptl.crystals_number   ? 
# 
_exptl_crystal.id                    1 
_exptl_crystal.density_meas          ? 
_exptl_crystal.density_percent_sol   43.99 
_exptl_crystal.density_Matthews      2.20 
_exptl_crystal.description           ? 
_exptl_crystal.F_000                 ? 
_exptl_crystal.preparation           ? 
# 
_exptl_crystal_grow.crystal_id      1 
_exptl_crystal_grow.method          'VAPOR DIFFUSION, SITTING DROP' 
_exptl_crystal_grow.temp            277.00 
_exptl_crystal_grow.temp_details    ? 
_exptl_crystal_grow.pH              6.50 
_exptl_crystal_grow.pdbx_details    'pH 6.50, VAPOR DIFFUSION, SITTING DROP, temperature 277.00K' 
_exptl_crystal_grow.pdbx_pH_range   ? 
# 
loop_
_exptl_crystal_grow_comp.crystal_id 
_exptl_crystal_grow_comp.id 
_exptl_crystal_grow_comp.sol_id 
_exptl_crystal_grow_comp.name 
_exptl_crystal_grow_comp.volume 
_exptl_crystal_grow_comp.conc 
_exptl_crystal_grow_comp.details 
1 1 1 WATER           ? ? ? 
1 2 1 MPD             ? ? ? 
1 3 1 MGCL2           ? ? ? 
1 4 1 SPERMINE_HCL    ? ? ? 
1 5 1 'NA CACODYLATE' ? ? ? 
1 6 2 WATER           ? ? ? 
1 7 2 MPD             ? ? ? 
# 
_diffrn.id                     1 
_diffrn.crystal_id             1 
_diffrn.ambient_temp           ? 
_diffrn.ambient_temp_details   ? 
# 
_diffrn_radiation.diffrn_id                        1 
_diffrn_radiation.wavelength_id                    1 
_diffrn_radiation.pdbx_monochromatic_or_laue_m_l   ? 
_diffrn_radiation.monochromator                    ? 
_diffrn_radiation.pdbx_diffrn_protocol             ? 
_diffrn_radiation.pdbx_scattering_type             x-ray 
# 
_diffrn_radiation_wavelength.id           1 
_diffrn_radiation_wavelength.wavelength   . 
_diffrn_radiation_wavelength.wt           1.0 
# 
_diffrn_source.diffrn_id                   1 
_diffrn_source.source                      'ROTATING ANODE' 
_diffrn_source.type                        'RIGAKU RU200' 
_diffrn_source.pdbx_synchrotron_site       ? 
_diffrn_source.pdbx_synchrotron_beamline   ? 
_diffrn_source.pdbx_wavelength             ? 
_diffrn_source.pdbx_wavelength_list        ? 
# 
_reflns.entry_id                     178D 
_reflns.observed_criterion_sigma_I   1.000 
_reflns.observed_criterion_sigma_F   ? 
_reflns.d_resolution_low             ? 
_reflns.d_resolution_high            2.500 
_reflns.number_obs                   1965 
_reflns.number_all                   9923 
_reflns.percent_possible_obs         ? 
_reflns.pdbx_Rmerge_I_obs            ? 
_reflns.pdbx_Rsym_value              ? 
_reflns.pdbx_netI_over_sigmaI        ? 
_reflns.B_iso_Wilson_estimate        ? 
_reflns.pdbx_redundancy              ? 
_reflns.R_free_details               ? 
_reflns.pdbx_chi_squared             ? 
_reflns.pdbx_scaling_rejects         ? 
_reflns.pdbx_diffrn_id               1 
_reflns.pdbx_ordinal                 1 
# 
_refine.entry_id                                 178D 
_refine.ls_number_reflns_obs                     1843 
_refine.ls_number_reflns_all                     ? 
_refine.pdbx_ls_sigma_I                          ? 
_refine.pdbx_ls_sigma_F                          2.000 
_refine.pdbx_data_cutoff_high_absF               ? 
_refine.pdbx_data_cutoff_low_absF                ? 
_refine.pdbx_data_cutoff_high_rms_absF           ? 
_refine.ls_d_res_low                             10.000 
_refine.ls_d_res_high                            2.500 
_refine.ls_percent_reflns_obs                    ? 
_refine.ls_R_factor_obs                          0.168 
_refine.ls_R_factor_all                          ? 
_refine.ls_R_factor_R_work                       ? 
_refine.ls_R_factor_R_free                       ? 
_refine.ls_R_factor_R_free_error                 ? 
_refine.ls_R_factor_R_free_error_details         ? 
_refine.ls_percent_reflns_R_free                 ? 
_refine.ls_number_reflns_R_free                  ? 
_refine.ls_number_parameters                     ? 
_refine.ls_number_restraints                     ? 
_refine.occupancy_min                            ? 
_refine.occupancy_max                            ? 
_refine.B_iso_mean                               ? 
_refine.aniso_B[1][1]                            ? 
_refine.aniso_B[2][2]                            ? 
_refine.aniso_B[3][3]                            ? 
_refine.aniso_B[1][2]                            ? 
_refine.aniso_B[1][3]                            ? 
_refine.aniso_B[2][3]                            ? 
_refine.solvent_model_details                    ? 
_refine.solvent_model_param_ksol                 ? 
_refine.solvent_model_param_bsol                 ? 
_refine.pdbx_ls_cross_valid_method               ? 
_refine.details                                  ? 
_refine.pdbx_starting_model                      ? 
_refine.pdbx_method_to_determine_struct          ? 
_refine.pdbx_isotropic_thermal_model             ? 
_refine.pdbx_stereochemistry_target_values       ? 
_refine.pdbx_stereochem_target_val_spec_case     ? 
_refine.pdbx_R_Free_selection_details            ? 
_refine.pdbx_overall_ESU_R                       ? 
_refine.pdbx_overall_ESU_R_Free                  ? 
_refine.overall_SU_ML                            ? 
_refine.overall_SU_B                             ? 
_refine.pdbx_refine_id                           'X-RAY DIFFRACTION' 
_refine.ls_redundancy_reflns_obs                 ? 
_refine.pdbx_overall_phase_error                 ? 
_refine.correlation_coeff_Fo_to_Fc               ? 
_refine.correlation_coeff_Fo_to_Fc_free          ? 
_refine.pdbx_solvent_vdw_probe_radii             ? 
_refine.pdbx_solvent_ion_probe_radii             ? 
_refine.pdbx_solvent_shrinkage_radii             ? 
_refine.overall_SU_R_Cruickshank_DPI             ? 
_refine.overall_SU_R_free                        ? 
_refine.ls_wR_factor_R_free                      ? 
_refine.ls_wR_factor_R_work                      ? 
_refine.overall_FOM_free_R_set                   ? 
_refine.overall_FOM_work_R_set                   ? 
_refine.pdbx_diffrn_id                           1 
_refine.pdbx_TLS_residual_ADP_flag               ? 
_refine.pdbx_overall_SU_R_free_Cruickshank_DPI   ? 
_refine.pdbx_overall_SU_R_Blow_DPI               ? 
_refine.pdbx_overall_SU_R_free_Blow_DPI          ? 
# 
_refine_hist.pdbx_refine_id                   'X-RAY DIFFRACTION' 
_refine_hist.cycle_id                         LAST 
_refine_hist.pdbx_number_atoms_protein        0 
_refine_hist.pdbx_number_atoms_nucleic_acid   490 
_refine_hist.pdbx_number_atoms_ligand         2 
_refine_hist.number_atoms_solvent             72 
_refine_hist.number_atoms_total               564 
_refine_hist.d_res_high                       2.500 
_refine_hist.d_res_low                        10.000 
# 
loop_
_refine_ls_restr.type 
_refine_ls_restr.dev_ideal 
_refine_ls_restr.dev_ideal_target 
_refine_ls_restr.weight 
_refine_ls_restr.number 
_refine_ls_restr.pdbx_refine_id 
_refine_ls_restr.pdbx_restraint_function 
n_bond_d               ?     ?     ? ? 'X-RAY DIFFRACTION' ? 
n_angle_d              ?     ?     ? ? 'X-RAY DIFFRACTION' ? 
n_planar_d             ?     ?     ? ? 'X-RAY DIFFRACTION' ? 
n_hb_or_metal_coord    ?     ?     ? ? 'X-RAY DIFFRACTION' ? 
n_sugar_bond_it        2.445 2.445 ? ? 'X-RAY DIFFRACTION' ? 
n_sugar_angle_it       3.415 3.415 ? ? 'X-RAY DIFFRACTION' ? 
n_phos_bond_it         4.496 4.496 ? ? 'X-RAY DIFFRACTION' ? 
n_phos_angle_it        ?     ?     ? ? 'X-RAY DIFFRACTION' ? 
n_bond_angle_restr     ?     ?     ? ? 'X-RAY DIFFRACTION' ? 
n_dihedral_angle_restr ?     ?     ? ? 'X-RAY DIFFRACTION' ? 
n_impr_tor             ?     ?     ? ? 'X-RAY DIFFRACTION' ? 
n_sugar_bond_d         0.006 0.006 ? ? 'X-RAY DIFFRACTION' ? 
n_sugar_bond_angle_d   0.014 0.014 ? ? 'X-RAY DIFFRACTION' ? 
n_phos_bond_d          0.005 0.005 ? ? 'X-RAY DIFFRACTION' ? 
n_phos_bond_angle_d    0.010 0.010 ? ? 'X-RAY DIFFRACTION' ? 
n_plane_restr          0.005 0.005 ? ? 'X-RAY DIFFRACTION' ? 
n_chiral_restr         0.245 0.245 ? ? 'X-RAY DIFFRACTION' ? 
n_singtor_nbd          0.070 0.070 ? ? 'X-RAY DIFFRACTION' ? 
n_multtor_nbd          0.175 0.175 ? ? 'X-RAY DIFFRACTION' ? 
n_xhyhbond_nbd         ?     ?     ? ? 'X-RAY DIFFRACTION' ? 
# 
_struct.entry_id                  178D 
_struct.title                     'CRYSTAL STRUCTURE OF A DNA DUPLEX CONTAINING 8-HYDROXYDEOXYGUANINE.ADENINE BASE-PAIRS' 
_struct.pdbx_model_details        ? 
_struct.pdbx_CASP_flag            ? 
_struct.pdbx_model_type_details   ? 
# 
_struct_keywords.entry_id        178D 
_struct_keywords.pdbx_keywords   DNA 
_struct_keywords.text            'B-DNA, DOUBLE HELIX, MODIFIED, MISMATCHED, DNA' 
# 
loop_
_struct_asym.id 
_struct_asym.pdbx_blank_PDB_chainid_flag 
_struct_asym.pdbx_modified 
_struct_asym.entity_id 
_struct_asym.details 
A N N 1 ? 
B N N 1 ? 
C N N 2 ? 
D N N 2 ? 
# 
_struct_ref.id                         1 
_struct_ref.entity_id                  1 
_struct_ref.db_name                    PDB 
_struct_ref.db_code                    178D 
_struct_ref.pdbx_db_accession          178D 
_struct_ref.pdbx_align_begin           ? 
_struct_ref.pdbx_seq_one_letter_code   ? 
_struct_ref.pdbx_db_isoform            ? 
# 
loop_
_struct_ref_seq.align_id 
_struct_ref_seq.ref_id 
_struct_ref_seq.pdbx_PDB_id_code 
_struct_ref_seq.pdbx_strand_id 
_struct_ref_seq.seq_align_beg 
_struct_ref_seq.pdbx_seq_align_beg_ins_code 
_struct_ref_seq.seq_align_end 
_struct_ref_seq.pdbx_seq_align_end_ins_code 
_struct_ref_seq.pdbx_db_accession 
_struct_ref_seq.db_align_beg 
_struct_ref_seq.pdbx_db_align_beg_ins_code 
_struct_ref_seq.db_align_end 
_struct_ref_seq.pdbx_db_align_end_ins_code 
_struct_ref_seq.pdbx_auth_seq_align_beg 
_struct_ref_seq.pdbx_auth_seq_align_end 
1 1 178D A 1 ? 12 ? 178D 1  ? 12 ? 1  12 
2 1 178D B 1 ? 12 ? 178D 13 ? 24 ? 13 24 
# 
_pdbx_struct_assembly.id                   1 
_pdbx_struct_assembly.details              author_defined_assembly 
_pdbx_struct_assembly.method_details       ? 
_pdbx_struct_assembly.oligomeric_details   dimeric 
_pdbx_struct_assembly.oligomeric_count     2 
# 
_pdbx_struct_assembly_gen.assembly_id       1 
_pdbx_struct_assembly_gen.oper_expression   1 
_pdbx_struct_assembly_gen.asym_id_list      A,B,C,D 
# 
_pdbx_struct_oper_list.id                   1 
_pdbx_struct_oper_list.type                 'identity operation' 
_pdbx_struct_oper_list.name                 1_555 
_pdbx_struct_oper_list.symmetry_operation   x,y,z 
_pdbx_struct_oper_list.matrix[1][1]         1.0000000000 
_pdbx_struct_oper_list.matrix[1][2]         0.0000000000 
_pdbx_struct_oper_list.matrix[1][3]         0.0000000000 
_pdbx_struct_oper_list.vector[1]            0.0000000000 
_pdbx_struct_oper_list.matrix[2][1]         0.0000000000 
_pdbx_struct_oper_list.matrix[2][2]         1.0000000000 
_pdbx_struct_oper_list.matrix[2][3]         0.0000000000 
_pdbx_struct_oper_list.vector[2]            0.0000000000 
_pdbx_struct_oper_list.matrix[3][1]         0.0000000000 
_pdbx_struct_oper_list.matrix[3][2]         0.0000000000 
_pdbx_struct_oper_list.matrix[3][3]         1.0000000000 
_pdbx_struct_oper_list.vector[3]            0.0000000000 
# 
_struct_biol.id        1 
_struct_biol.details   ? 
# 
loop_
_struct_conn.id 
_struct_conn.conn_type_id 
_struct_conn.pdbx_leaving_atom_flag 
_struct_conn.pdbx_PDB_id 
_struct_conn.ptnr1_label_asym_id 
_struct_conn.ptnr1_label_comp_id 
_struct_conn.ptnr1_label_seq_id 
_struct_conn.ptnr1_label_atom_id 
_struct_conn.pdbx_ptnr1_label_alt_id 
_struct_conn.pdbx_ptnr1_PDB_ins_code 
_struct_conn.pdbx_ptnr1_standard_comp_id 
_struct_conn.ptnr1_symmetry 
_struct_conn.ptnr2_label_asym_id 
_struct_conn.ptnr2_label_comp_id 
_struct_conn.ptnr2_label_seq_id 
_struct_conn.ptnr2_label_atom_id 
_struct_conn.pdbx_ptnr2_label_alt_id 
_struct_conn.pdbx_ptnr2_PDB_ins_code 
_struct_conn.ptnr1_auth_asym_id 
_struct_conn.ptnr1_auth_comp_id 
_struct_conn.ptnr1_auth_seq_id 
_struct_conn.ptnr2_auth_asym_id 
_struct_conn.ptnr2_auth_comp_id 
_struct_conn.ptnr2_auth_seq_id 
_struct_conn.ptnr2_symmetry 
_struct_conn.pdbx_ptnr3_label_atom_id 
_struct_conn.pdbx_ptnr3_label_seq_id 
_struct_conn.pdbx_ptnr3_label_comp_id 
_struct_conn.pdbx_ptnr3_label_asym_id 
_struct_conn.pdbx_ptnr3_label_alt_id 
_struct_conn.pdbx_ptnr3_PDB_ins_code 
_struct_conn.details 
_struct_conn.pdbx_dist_value 
_struct_conn.pdbx_value_order 
_struct_conn.pdbx_role 
covale1  covale both ? A DT  8  "O3'" ? ? ? 1_555 A 8OG 9  P  ? ? A DT  8  A 8OG 9  1_555 ? ? ? ? ? ? ?                1.608 ? ? 
covale2  covale both ? A 8OG 9  "O3'" ? ? ? 1_555 A DG  10 P  ? ? A 8OG 9  A DG  10 1_555 ? ? ? ? ? ? ?                1.607 ? ? 
covale3  covale both ? B DT  8  "O3'" ? ? ? 1_555 B 8OG 9  P  ? ? B DT  20 B 8OG 21 1_555 ? ? ? ? ? ? ?                1.606 ? ? 
covale4  covale both ? B 8OG 9  "O3'" ? ? ? 1_555 B DG  10 P  ? ? B 8OG 21 B DG  22 1_555 ? ? ? ? ? ? ?                1.595 ? ? 
hydrog1  hydrog ?    ? A DC  1  N3    ? ? ? 1_555 B DG  12 N1 ? ? A DC  1  B DG  24 1_555 ? ? ? ? ? ? WATSON-CRICK     ?     ? ? 
hydrog2  hydrog ?    ? A DC  1  N4    ? ? ? 1_555 B DG  12 O6 ? ? A DC  1  B DG  24 1_555 ? ? ? ? ? ? WATSON-CRICK     ?     ? ? 
hydrog3  hydrog ?    ? A DC  1  O2    ? ? ? 1_555 B DG  12 N2 ? ? A DC  1  B DG  24 1_555 ? ? ? ? ? ? WATSON-CRICK     ?     ? ? 
hydrog4  hydrog ?    ? A DG  2  N1    ? ? ? 1_555 B DC  11 N3 ? ? A DG  2  B DC  23 1_555 ? ? ? ? ? ? WATSON-CRICK     ?     ? ? 
hydrog5  hydrog ?    ? A DG  2  N2    ? ? ? 1_555 B DC  11 O2 ? ? A DG  2  B DC  23 1_555 ? ? ? ? ? ? WATSON-CRICK     ?     ? ? 
hydrog6  hydrog ?    ? A DG  2  O6    ? ? ? 1_555 B DC  11 N4 ? ? A DG  2  B DC  23 1_555 ? ? ? ? ? ? WATSON-CRICK     ?     ? ? 
hydrog7  hydrog ?    ? A DC  3  N4    ? ? ? 1_555 B 8OG 9  O6 ? ? A DC  3  B 8OG 21 1_555 ? ? ? ? ? ? 'DC-8OG PAIR'    ?     ? ? 
hydrog8  hydrog ?    ? A DC  3  N3    ? ? ? 1_555 B DG  10 N1 ? ? A DC  3  B DG  22 1_555 ? ? ? ? ? ? WATSON-CRICK     ?     ? ? 
hydrog9  hydrog ?    ? A DC  3  N4    ? ? ? 1_555 B DG  10 O6 ? ? A DC  3  B DG  22 1_555 ? ? ? ? ? ? WATSON-CRICK     ?     ? ? 
hydrog10 hydrog ?    ? A DC  3  O2    ? ? ? 1_555 B DG  10 N2 ? ? A DC  3  B DG  22 1_555 ? ? ? ? ? ? WATSON-CRICK     ?     ? ? 
hydrog11 hydrog ?    ? A DA  4  N6    ? ? ? 1_555 B 8OG 9  O6 ? ? A DA  4  B 8OG 21 1_555 ? ? ? ? ? ? 'DA-8OG MISPAIR' ?     ? ? 
hydrog12 hydrog ?    ? A DA  5  N1    ? ? ? 1_555 B DT  8  N3 ? ? A DA  5  B DT  20 1_555 ? ? ? ? ? ? WATSON-CRICK     ?     ? ? 
hydrog13 hydrog ?    ? A DA  5  N6    ? ? ? 1_555 B DT  8  O4 ? ? A DA  5  B DT  20 1_555 ? ? ? ? ? ? WATSON-CRICK     ?     ? ? 
hydrog14 hydrog ?    ? A DA  6  N1    ? ? ? 1_555 B DT  7  N3 ? ? A DA  6  B DT  19 1_555 ? ? ? ? ? ? WATSON-CRICK     ?     ? ? 
hydrog15 hydrog ?    ? A DA  6  N6    ? ? ? 1_555 B DT  7  O4 ? ? A DA  6  B DT  19 1_555 ? ? ? ? ? ? WATSON-CRICK     ?     ? ? 
hydrog16 hydrog ?    ? A DT  7  N3    ? ? ? 1_555 B DA  6  N1 ? ? A DT  7  B DA  18 1_555 ? ? ? ? ? ? WATSON-CRICK     ?     ? ? 
hydrog17 hydrog ?    ? A DT  7  O4    ? ? ? 1_555 B DA  6  N6 ? ? A DT  7  B DA  18 1_555 ? ? ? ? ? ? WATSON-CRICK     ?     ? ? 
hydrog18 hydrog ?    ? A DT  8  N3    ? ? ? 1_555 B DA  5  N1 ? ? A DT  8  B DA  17 1_555 ? ? ? ? ? ? WATSON-CRICK     ?     ? ? 
hydrog19 hydrog ?    ? A DT  8  O4    ? ? ? 1_555 B DA  5  N6 ? ? A DT  8  B DA  17 1_555 ? ? ? ? ? ? WATSON-CRICK     ?     ? ? 
hydrog20 hydrog ?    ? A 8OG 9  O6    ? ? ? 1_555 B DA  4  N6 ? ? A 8OG 9  B DA  16 1_555 ? ? ? ? ? ? '8OG-DA MISPAIR' ?     ? ? 
hydrog21 hydrog ?    ? A DG  10 N1    ? ? ? 1_555 B DC  3  N3 ? ? A DG  10 B DC  15 1_555 ? ? ? ? ? ? WATSON-CRICK     ?     ? ? 
hydrog22 hydrog ?    ? A DG  10 N2    ? ? ? 1_555 B DC  3  O2 ? ? A DG  10 B DC  15 1_555 ? ? ? ? ? ? WATSON-CRICK     ?     ? ? 
hydrog23 hydrog ?    ? A DG  10 O6    ? ? ? 1_555 B DC  3  N4 ? ? A DG  10 B DC  15 1_555 ? ? ? ? ? ? WATSON-CRICK     ?     ? ? 
hydrog24 hydrog ?    ? A DC  11 N3    ? ? ? 1_555 B DG  2  N1 ? ? A DC  11 B DG  14 1_555 ? ? ? ? ? ? WATSON-CRICK     ?     ? ? 
hydrog25 hydrog ?    ? A DC  11 N4    ? ? ? 1_555 B DG  2  O6 ? ? A DC  11 B DG  14 1_555 ? ? ? ? ? ? WATSON-CRICK     ?     ? ? 
hydrog26 hydrog ?    ? A DC  11 O2    ? ? ? 1_555 B DG  2  N2 ? ? A DC  11 B DG  14 1_555 ? ? ? ? ? ? WATSON-CRICK     ?     ? ? 
hydrog27 hydrog ?    ? A DG  12 N1    ? ? ? 1_555 B DC  1  N3 ? ? A DG  12 B DC  13 1_555 ? ? ? ? ? ? WATSON-CRICK     ?     ? ? 
hydrog28 hydrog ?    ? A DG  12 N2    ? ? ? 1_555 B DC  1  O2 ? ? A DG  12 B DC  13 1_555 ? ? ? ? ? ? WATSON-CRICK     ?     ? ? 
hydrog29 hydrog ?    ? A DG  12 O6    ? ? ? 1_555 B DC  1  N4 ? ? A DG  12 B DC  13 1_555 ? ? ? ? ? ? WATSON-CRICK     ?     ? ? 
# 
loop_
_struct_conn_type.id 
_struct_conn_type.criteria 
_struct_conn_type.reference 
covale ? ? 
hydrog ? ? 
# 
loop_
_pdbx_validate_rmsd_angle.id 
_pdbx_validate_rmsd_angle.PDB_model_num 
_pdbx_validate_rmsd_angle.auth_atom_id_1 
_pdbx_validate_rmsd_angle.auth_asym_id_1 
_pdbx_validate_rmsd_angle.auth_comp_id_1 
_pdbx_validate_rmsd_angle.auth_seq_id_1 
_pdbx_validate_rmsd_angle.PDB_ins_code_1 
_pdbx_validate_rmsd_angle.label_alt_id_1 
_pdbx_validate_rmsd_angle.auth_atom_id_2 
_pdbx_validate_rmsd_angle.auth_asym_id_2 
_pdbx_validate_rmsd_angle.auth_comp_id_2 
_pdbx_validate_rmsd_angle.auth_seq_id_2 
_pdbx_validate_rmsd_angle.PDB_ins_code_2 
_pdbx_validate_rmsd_angle.label_alt_id_2 
_pdbx_validate_rmsd_angle.auth_atom_id_3 
_pdbx_validate_rmsd_angle.auth_asym_id_3 
_pdbx_validate_rmsd_angle.auth_comp_id_3 
_pdbx_validate_rmsd_angle.auth_seq_id_3 
_pdbx_validate_rmsd_angle.PDB_ins_code_3 
_pdbx_validate_rmsd_angle.label_alt_id_3 
_pdbx_validate_rmsd_angle.angle_value 
_pdbx_validate_rmsd_angle.angle_target_value 
_pdbx_validate_rmsd_angle.angle_deviation 
_pdbx_validate_rmsd_angle.angle_standard_deviation 
_pdbx_validate_rmsd_angle.linker_flag 
1  1 "C3'" A DC 1  ? ? "C2'" A DC 1  ? ? "C1'" A DC 1  ? ? 96.97  102.40 -5.43 0.80 N 
2  1 "O4'" A DC 1  ? ? "C1'" A DC 1  ? ? N1    A DC 1  ? ? 111.24 108.30 2.94  0.30 N 
3  1 "O4'" A DG 2  ? ? "C1'" A DG 2  ? ? N9    A DG 2  ? ? 110.94 108.30 2.64  0.30 N 
4  1 C5    A DG 2  ? ? C6    A DG 2  ? ? N1    A DG 2  ? ? 114.70 111.50 3.20  0.50 N 
5  1 "O4'" A DC 3  ? ? "C1'" A DC 3  ? ? N1    A DC 3  ? ? 110.21 108.30 1.91  0.30 N 
6  1 N1    A DA 4  ? ? C2    A DA 4  ? ? N3    A DA 4  ? ? 126.25 129.30 -3.05 0.50 N 
7  1 "O4'" A DA 5  ? ? "C1'" A DA 5  ? ? N9    A DA 5  ? ? 110.49 108.30 2.19  0.30 N 
8  1 N1    A DA 5  ? ? C2    A DA 5  ? ? N3    A DA 5  ? ? 126.19 129.30 -3.11 0.50 N 
9  1 N1    A DA 6  ? ? C2    A DA 6  ? ? N3    A DA 6  ? ? 125.88 129.30 -3.42 0.50 N 
10 1 C2    A DT 7  ? ? N3    A DT 7  ? ? C4    A DT 7  ? ? 123.01 127.20 -4.19 0.60 N 
11 1 "O4'" A DT 8  ? ? "C1'" A DT 8  ? ? N1    A DT 8  ? ? 112.09 108.30 3.79  0.30 N 
12 1 C2    A DT 8  ? ? N3    A DT 8  ? ? C4    A DT 8  ? ? 122.75 127.20 -4.45 0.60 N 
13 1 N3    A DT 8  ? ? C4    A DT 8  ? ? C5    A DT 8  ? ? 118.90 115.20 3.70  0.60 N 
14 1 "O4'" A DG 10 ? ? "C1'" A DG 10 ? ? N9    A DG 10 ? ? 117.27 108.30 8.97  0.30 N 
15 1 C5    A DG 10 ? ? C6    A DG 10 ? ? N1    A DG 10 ? ? 114.63 111.50 3.13  0.50 N 
16 1 C5    A DG 12 ? ? C6    A DG 12 ? ? N1    A DG 12 ? ? 114.93 111.50 3.43  0.50 N 
17 1 "O4'" B DG 14 ? ? "C1'" B DG 14 ? ? N9    B DG 14 ? ? 110.42 108.30 2.12  0.30 N 
18 1 C5    B DG 14 ? ? C6    B DG 14 ? ? N1    B DG 14 ? ? 114.52 111.50 3.02  0.50 N 
19 1 "O4'" B DC 15 ? ? "C1'" B DC 15 ? ? N1    B DC 15 ? ? 110.78 108.30 2.48  0.30 N 
20 1 "O4'" B DA 16 ? ? "C1'" B DA 16 ? ? N9    B DA 16 ? ? 110.17 108.30 1.87  0.30 N 
21 1 N1    B DA 16 ? ? C2    B DA 16 ? ? N3    B DA 16 ? ? 126.29 129.30 -3.01 0.50 N 
22 1 "O4'" B DA 17 ? ? "C1'" B DA 17 ? ? N9    B DA 17 ? ? 110.19 108.30 1.89  0.30 N 
23 1 N1    B DA 17 ? ? C2    B DA 17 ? ? N3    B DA 17 ? ? 126.12 129.30 -3.18 0.50 N 
24 1 "O4'" B DA 18 ? ? "C1'" B DA 18 ? ? N9    B DA 18 ? ? 111.34 108.30 3.04  0.30 N 
25 1 C6    B DA 18 ? ? N1    B DA 18 ? ? C2    B DA 18 ? ? 122.57 118.60 3.97  0.60 N 
26 1 N1    B DA 18 ? ? C2    B DA 18 ? ? N3    B DA 18 ? ? 125.80 129.30 -3.50 0.50 N 
27 1 C5    B DA 18 ? ? C6    B DA 18 ? ? N1    B DA 18 ? ? 114.53 117.70 -3.17 0.50 N 
28 1 "O4'" B DT 19 ? ? "C1'" B DT 19 ? ? N1    B DT 19 ? ? 111.15 108.30 2.85  0.30 N 
29 1 C2    B DT 19 ? ? N3    B DT 19 ? ? C4    B DT 19 ? ? 122.92 127.20 -4.28 0.60 N 
30 1 C2    B DT 20 ? ? N3    B DT 20 ? ? C4    B DT 20 ? ? 122.62 127.20 -4.58 0.60 N 
31 1 N3    B DT 20 ? ? C4    B DT 20 ? ? C5    B DT 20 ? ? 119.06 115.20 3.86  0.60 N 
32 1 "O4'" B DG 22 ? ? "C1'" B DG 22 ? ? N9    B DG 22 ? ? 111.70 108.30 3.40  0.30 N 
33 1 C5    B DG 22 ? ? C6    B DG 22 ? ? N1    B DG 22 ? ? 114.61 111.50 3.11  0.50 N 
34 1 "O4'" B DC 23 ? ? "C1'" B DC 23 ? ? N1    B DC 23 ? ? 111.19 108.30 2.89  0.30 N 
35 1 "O4'" B DG 24 ? ? "C1'" B DG 24 ? ? N9    B DG 24 ? ? 111.19 108.30 2.89  0.30 N 
36 1 C5    B DG 24 ? ? C6    B DG 24 ? ? N1    B DG 24 ? ? 114.57 111.50 3.07  0.50 N 
# 
loop_
_pdbx_struct_mod_residue.id 
_pdbx_struct_mod_residue.label_asym_id 
_pdbx_struct_mod_residue.label_comp_id 
_pdbx_struct_mod_residue.label_seq_id 
_pdbx_struct_mod_residue.auth_asym_id 
_pdbx_struct_mod_residue.auth_comp_id 
_pdbx_struct_mod_residue.auth_seq_id 
_pdbx_struct_mod_residue.PDB_ins_code 
_pdbx_struct_mod_residue.parent_comp_id 
_pdbx_struct_mod_residue.details 
1 A 8OG 9 A 8OG 9  ? DG ? 
2 B 8OG 9 B 8OG 21 ? DG ? 
# 
loop_
_refine_B_iso.class 
_refine_B_iso.details 
_refine_B_iso.treatment 
_refine_B_iso.pdbx_refine_id 
'ALL ATOMS'  TR isotropic 'X-RAY DIFFRACTION' 
'ALL WATERS' TR isotropic 'X-RAY DIFFRACTION' 
# 
loop_
_refine_occupancy.class 
_refine_occupancy.treatment 
_refine_occupancy.pdbx_refine_id 
'ALL ATOMS'  fix 'X-RAY DIFFRACTION' 
'ALL WATERS' fix 'X-RAY DIFFRACTION' 
# 
loop_
_chem_comp_atom.comp_id 
_chem_comp_atom.atom_id 
_chem_comp_atom.type_symbol 
_chem_comp_atom.pdbx_aromatic_flag 
_chem_comp_atom.pdbx_stereo_config 
_chem_comp_atom.pdbx_ordinal 
8OG OP3    O N N 1   
8OG P      P N N 2   
8OG OP1    O N N 3   
8OG OP2    O N N 4   
8OG "O5'"  O N N 5   
8OG "C5'"  C N N 6   
8OG "C4'"  C N R 7   
8OG "O4'"  O N N 8   
8OG "C3'"  C N S 9   
8OG "O3'"  O N N 10  
8OG "C2'"  C N N 11  
8OG "C1'"  C N R 12  
8OG N9     N N N 13  
8OG C8     C N N 14  
8OG N7     N N N 15  
8OG C5     C N N 16  
8OG C6     C N N 17  
8OG O6     O N N 18  
8OG N1     N N N 19  
8OG C2     C N N 20  
8OG N2     N N N 21  
8OG N3     N N N 22  
8OG C4     C N N 23  
8OG O8     O N N 24  
8OG HOP3   H N N 25  
8OG HOP2   H N N 26  
8OG "H5'"  H N N 27  
8OG "H5''" H N N 28  
8OG "H4'"  H N N 29  
8OG "H3'"  H N N 30  
8OG "HO3'" H N N 31  
8OG "H2'"  H N N 32  
8OG "H2''" H N N 33  
8OG "H1'"  H N N 34  
8OG H7     H N N 35  
8OG H1     H N N 36  
8OG H21    H N N 37  
8OG H22    H N N 38  
DA  OP3    O N N 39  
DA  P      P N N 40  
DA  OP1    O N N 41  
DA  OP2    O N N 42  
DA  "O5'"  O N N 43  
DA  "C5'"  C N N 44  
DA  "C4'"  C N R 45  
DA  "O4'"  O N N 46  
DA  "C3'"  C N S 47  
DA  "O3'"  O N N 48  
DA  "C2'"  C N N 49  
DA  "C1'"  C N R 50  
DA  N9     N Y N 51  
DA  C8     C Y N 52  
DA  N7     N Y N 53  
DA  C5     C Y N 54  
DA  C6     C Y N 55  
DA  N6     N N N 56  
DA  N1     N Y N 57  
DA  C2     C Y N 58  
DA  N3     N Y N 59  
DA  C4     C Y N 60  
DA  HOP3   H N N 61  
DA  HOP2   H N N 62  
DA  "H5'"  H N N 63  
DA  "H5''" H N N 64  
DA  "H4'"  H N N 65  
DA  "H3'"  H N N 66  
DA  "HO3'" H N N 67  
DA  "H2'"  H N N 68  
DA  "H2''" H N N 69  
DA  "H1'"  H N N 70  
DA  H8     H N N 71  
DA  H61    H N N 72  
DA  H62    H N N 73  
DA  H2     H N N 74  
DC  OP3    O N N 75  
DC  P      P N N 76  
DC  OP1    O N N 77  
DC  OP2    O N N 78  
DC  "O5'"  O N N 79  
DC  "C5'"  C N N 80  
DC  "C4'"  C N R 81  
DC  "O4'"  O N N 82  
DC  "C3'"  C N S 83  
DC  "O3'"  O N N 84  
DC  "C2'"  C N N 85  
DC  "C1'"  C N R 86  
DC  N1     N N N 87  
DC  C2     C N N 88  
DC  O2     O N N 89  
DC  N3     N N N 90  
DC  C4     C N N 91  
DC  N4     N N N 92  
DC  C5     C N N 93  
DC  C6     C N N 94  
DC  HOP3   H N N 95  
DC  HOP2   H N N 96  
DC  "H5'"  H N N 97  
DC  "H5''" H N N 98  
DC  "H4'"  H N N 99  
DC  "H3'"  H N N 100 
DC  "HO3'" H N N 101 
DC  "H2'"  H N N 102 
DC  "H2''" H N N 103 
DC  "H1'"  H N N 104 
DC  H41    H N N 105 
DC  H42    H N N 106 
DC  H5     H N N 107 
DC  H6     H N N 108 
DG  OP3    O N N 109 
DG  P      P N N 110 
DG  OP1    O N N 111 
DG  OP2    O N N 112 
DG  "O5'"  O N N 113 
DG  "C5'"  C N N 114 
DG  "C4'"  C N R 115 
DG  "O4'"  O N N 116 
DG  "C3'"  C N S 117 
DG  "O3'"  O N N 118 
DG  "C2'"  C N N 119 
DG  "C1'"  C N R 120 
DG  N9     N Y N 121 
DG  C8     C Y N 122 
DG  N7     N Y N 123 
DG  C5     C Y N 124 
DG  C6     C N N 125 
DG  O6     O N N 126 
DG  N1     N N N 127 
DG  C2     C N N 128 
DG  N2     N N N 129 
DG  N3     N N N 130 
DG  C4     C Y N 131 
DG  HOP3   H N N 132 
DG  HOP2   H N N 133 
DG  "H5'"  H N N 134 
DG  "H5''" H N N 135 
DG  "H4'"  H N N 136 
DG  "H3'"  H N N 137 
DG  "HO3'" H N N 138 
DG  "H2'"  H N N 139 
DG  "H2''" H N N 140 
DG  "H1'"  H N N 141 
DG  H8     H N N 142 
DG  H1     H N N 143 
DG  H21    H N N 144 
DG  H22    H N N 145 
DT  OP3    O N N 146 
DT  P      P N N 147 
DT  OP1    O N N 148 
DT  OP2    O N N 149 
DT  "O5'"  O N N 150 
DT  "C5'"  C N N 151 
DT  "C4'"  C N R 152 
DT  "O4'"  O N N 153 
DT  "C3'"  C N S 154 
DT  "O3'"  O N N 155 
DT  "C2'"  C N N 156 
DT  "C1'"  C N R 157 
DT  N1     N N N 158 
DT  C2     C N N 159 
DT  O2     O N N 160 
DT  N3     N N N 161 
DT  C4     C N N 162 
DT  O4     O N N 163 
DT  C5     C N N 164 
DT  C7     C N N 165 
DT  C6     C N N 166 
DT  HOP3   H N N 167 
DT  HOP2   H N N 168 
DT  "H5'"  H N N 169 
DT  "H5''" H N N 170 
DT  "H4'"  H N N 171 
DT  "H3'"  H N N 172 
DT  "HO3'" H N N 173 
DT  "H2'"  H N N 174 
DT  "H2''" H N N 175 
DT  "H1'"  H N N 176 
DT  H3     H N N 177 
DT  H71    H N N 178 
DT  H72    H N N 179 
DT  H73    H N N 180 
DT  H6     H N N 181 
HOH O      O N N 182 
HOH H1     H N N 183 
HOH H2     H N N 184 
# 
loop_
_chem_comp_bond.comp_id 
_chem_comp_bond.atom_id_1 
_chem_comp_bond.atom_id_2 
_chem_comp_bond.value_order 
_chem_comp_bond.pdbx_aromatic_flag 
_chem_comp_bond.pdbx_stereo_config 
_chem_comp_bond.pdbx_ordinal 
8OG OP3   P      sing N N 1   
8OG OP3   HOP3   sing N N 2   
8OG P     OP1    doub N N 3   
8OG P     OP2    sing N N 4   
8OG P     "O5'"  sing N N 5   
8OG OP2   HOP2   sing N N 6   
8OG "O5'" "C5'"  sing N N 7   
8OG "C5'" "C4'"  sing N N 8   
8OG "C5'" "H5'"  sing N N 9   
8OG "C5'" "H5''" sing N N 10  
8OG "C4'" "O4'"  sing N N 11  
8OG "C4'" "C3'"  sing N N 12  
8OG "C4'" "H4'"  sing N N 13  
8OG "O4'" "C1'"  sing N N 14  
8OG "C3'" "O3'"  sing N N 15  
8OG "C3'" "C2'"  sing N N 16  
8OG "C3'" "H3'"  sing N N 17  
8OG "O3'" "HO3'" sing N N 18  
8OG "C2'" "C1'"  sing N N 19  
8OG "C2'" "H2'"  sing N N 20  
8OG "C2'" "H2''" sing N N 21  
8OG "C1'" N9     sing N N 22  
8OG "C1'" "H1'"  sing N N 23  
8OG N9    C8     sing N N 24  
8OG N9    C4     sing N N 25  
8OG C8    N7     sing N N 26  
8OG C8    O8     doub N N 27  
8OG N7    C5     sing N N 28  
8OG N7    H7     sing N N 29  
8OG C5    C6     sing N N 30  
8OG C5    C4     doub N N 31  
8OG C6    O6     doub N N 32  
8OG C6    N1     sing N N 33  
8OG N1    C2     sing N N 34  
8OG N1    H1     sing N N 35  
8OG C2    N2     sing N N 36  
8OG C2    N3     doub N N 37  
8OG N2    H21    sing N N 38  
8OG N2    H22    sing N N 39  
8OG N3    C4     sing N N 40  
DA  OP3   P      sing N N 41  
DA  OP3   HOP3   sing N N 42  
DA  P     OP1    doub N N 43  
DA  P     OP2    sing N N 44  
DA  P     "O5'"  sing N N 45  
DA  OP2   HOP2   sing N N 46  
DA  "O5'" "C5'"  sing N N 47  
DA  "C5'" "C4'"  sing N N 48  
DA  "C5'" "H5'"  sing N N 49  
DA  "C5'" "H5''" sing N N 50  
DA  "C4'" "O4'"  sing N N 51  
DA  "C4'" "C3'"  sing N N 52  
DA  "C4'" "H4'"  sing N N 53  
DA  "O4'" "C1'"  sing N N 54  
DA  "C3'" "O3'"  sing N N 55  
DA  "C3'" "C2'"  sing N N 56  
DA  "C3'" "H3'"  sing N N 57  
DA  "O3'" "HO3'" sing N N 58  
DA  "C2'" "C1'"  sing N N 59  
DA  "C2'" "H2'"  sing N N 60  
DA  "C2'" "H2''" sing N N 61  
DA  "C1'" N9     sing N N 62  
DA  "C1'" "H1'"  sing N N 63  
DA  N9    C8     sing Y N 64  
DA  N9    C4     sing Y N 65  
DA  C8    N7     doub Y N 66  
DA  C8    H8     sing N N 67  
DA  N7    C5     sing Y N 68  
DA  C5    C6     sing Y N 69  
DA  C5    C4     doub Y N 70  
DA  C6    N6     sing N N 71  
DA  C6    N1     doub Y N 72  
DA  N6    H61    sing N N 73  
DA  N6    H62    sing N N 74  
DA  N1    C2     sing Y N 75  
DA  C2    N3     doub Y N 76  
DA  C2    H2     sing N N 77  
DA  N3    C4     sing Y N 78  
DC  OP3   P      sing N N 79  
DC  OP3   HOP3   sing N N 80  
DC  P     OP1    doub N N 81  
DC  P     OP2    sing N N 82  
DC  P     "O5'"  sing N N 83  
DC  OP2   HOP2   sing N N 84  
DC  "O5'" "C5'"  sing N N 85  
DC  "C5'" "C4'"  sing N N 86  
DC  "C5'" "H5'"  sing N N 87  
DC  "C5'" "H5''" sing N N 88  
DC  "C4'" "O4'"  sing N N 89  
DC  "C4'" "C3'"  sing N N 90  
DC  "C4'" "H4'"  sing N N 91  
DC  "O4'" "C1'"  sing N N 92  
DC  "C3'" "O3'"  sing N N 93  
DC  "C3'" "C2'"  sing N N 94  
DC  "C3'" "H3'"  sing N N 95  
DC  "O3'" "HO3'" sing N N 96  
DC  "C2'" "C1'"  sing N N 97  
DC  "C2'" "H2'"  sing N N 98  
DC  "C2'" "H2''" sing N N 99  
DC  "C1'" N1     sing N N 100 
DC  "C1'" "H1'"  sing N N 101 
DC  N1    C2     sing N N 102 
DC  N1    C6     sing N N 103 
DC  C2    O2     doub N N 104 
DC  C2    N3     sing N N 105 
DC  N3    C4     doub N N 106 
DC  C4    N4     sing N N 107 
DC  C4    C5     sing N N 108 
DC  N4    H41    sing N N 109 
DC  N4    H42    sing N N 110 
DC  C5    C6     doub N N 111 
DC  C5    H5     sing N N 112 
DC  C6    H6     sing N N 113 
DG  OP3   P      sing N N 114 
DG  OP3   HOP3   sing N N 115 
DG  P     OP1    doub N N 116 
DG  P     OP2    sing N N 117 
DG  P     "O5'"  sing N N 118 
DG  OP2   HOP2   sing N N 119 
DG  "O5'" "C5'"  sing N N 120 
DG  "C5'" "C4'"  sing N N 121 
DG  "C5'" "H5'"  sing N N 122 
DG  "C5'" "H5''" sing N N 123 
DG  "C4'" "O4'"  sing N N 124 
DG  "C4'" "C3'"  sing N N 125 
DG  "C4'" "H4'"  sing N N 126 
DG  "O4'" "C1'"  sing N N 127 
DG  "C3'" "O3'"  sing N N 128 
DG  "C3'" "C2'"  sing N N 129 
DG  "C3'" "H3'"  sing N N 130 
DG  "O3'" "HO3'" sing N N 131 
DG  "C2'" "C1'"  sing N N 132 
DG  "C2'" "H2'"  sing N N 133 
DG  "C2'" "H2''" sing N N 134 
DG  "C1'" N9     sing N N 135 
DG  "C1'" "H1'"  sing N N 136 
DG  N9    C8     sing Y N 137 
DG  N9    C4     sing Y N 138 
DG  C8    N7     doub Y N 139 
DG  C8    H8     sing N N 140 
DG  N7    C5     sing Y N 141 
DG  C5    C6     sing N N 142 
DG  C5    C4     doub Y N 143 
DG  C6    O6     doub N N 144 
DG  C6    N1     sing N N 145 
DG  N1    C2     sing N N 146 
DG  N1    H1     sing N N 147 
DG  C2    N2     sing N N 148 
DG  C2    N3     doub N N 149 
DG  N2    H21    sing N N 150 
DG  N2    H22    sing N N 151 
DG  N3    C4     sing N N 152 
DT  OP3   P      sing N N 153 
DT  OP3   HOP3   sing N N 154 
DT  P     OP1    doub N N 155 
DT  P     OP2    sing N N 156 
DT  P     "O5'"  sing N N 157 
DT  OP2   HOP2   sing N N 158 
DT  "O5'" "C5'"  sing N N 159 
DT  "C5'" "C4'"  sing N N 160 
DT  "C5'" "H5'"  sing N N 161 
DT  "C5'" "H5''" sing N N 162 
DT  "C4'" "O4'"  sing N N 163 
DT  "C4'" "C3'"  sing N N 164 
DT  "C4'" "H4'"  sing N N 165 
DT  "O4'" "C1'"  sing N N 166 
DT  "C3'" "O3'"  sing N N 167 
DT  "C3'" "C2'"  sing N N 168 
DT  "C3'" "H3'"  sing N N 169 
DT  "O3'" "HO3'" sing N N 170 
DT  "C2'" "C1'"  sing N N 171 
DT  "C2'" "H2'"  sing N N 172 
DT  "C2'" "H2''" sing N N 173 
DT  "C1'" N1     sing N N 174 
DT  "C1'" "H1'"  sing N N 175 
DT  N1    C2     sing N N 176 
DT  N1    C6     sing N N 177 
DT  C2    O2     doub N N 178 
DT  C2    N3     sing N N 179 
DT  N3    C4     sing N N 180 
DT  N3    H3     sing N N 181 
DT  C4    O4     doub N N 182 
DT  C4    C5     sing N N 183 
DT  C5    C7     sing N N 184 
DT  C5    C6     doub N N 185 
DT  C7    H71    sing N N 186 
DT  C7    H72    sing N N 187 
DT  C7    H73    sing N N 188 
DT  C6    H6     sing N N 189 
HOH O     H1     sing N N 190 
HOH O     H2     sing N N 191 
# 
loop_
_ndb_struct_conf_na.entry_id 
_ndb_struct_conf_na.feature 
178D 'double helix'         
178D 'b-form double helix'  
178D 'mismatched base pair' 
# 
loop_
_ndb_struct_na_base_pair.model_number 
_ndb_struct_na_base_pair.i_label_asym_id 
_ndb_struct_na_base_pair.i_label_comp_id 
_ndb_struct_na_base_pair.i_label_seq_id 
_ndb_struct_na_base_pair.i_symmetry 
_ndb_struct_na_base_pair.j_label_asym_id 
_ndb_struct_na_base_pair.j_label_comp_id 
_ndb_struct_na_base_pair.j_label_seq_id 
_ndb_struct_na_base_pair.j_symmetry 
_ndb_struct_na_base_pair.shear 
_ndb_struct_na_base_pair.stretch 
_ndb_struct_na_base_pair.stagger 
_ndb_struct_na_base_pair.buckle 
_ndb_struct_na_base_pair.propeller 
_ndb_struct_na_base_pair.opening 
_ndb_struct_na_base_pair.pair_number 
_ndb_struct_na_base_pair.pair_name 
_ndb_struct_na_base_pair.i_auth_asym_id 
_ndb_struct_na_base_pair.i_auth_seq_id 
_ndb_struct_na_base_pair.i_PDB_ins_code 
_ndb_struct_na_base_pair.j_auth_asym_id 
_ndb_struct_na_base_pair.j_auth_seq_id 
_ndb_struct_na_base_pair.j_PDB_ins_code 
_ndb_struct_na_base_pair.hbond_type_28 
_ndb_struct_na_base_pair.hbond_type_12 
1 A DC  1  1_555 B DG  12 1_555 0.214  -0.325 -0.266 7.263   -14.618 0.167   1  A_DC1:DG24_B  A 1  ? B 24 ? 19 1 
1 A DG  2  1_555 B DC  11 1_555 -0.263 -0.434 0.228  -0.100  -11.207 -4.706  2  A_DG2:DC23_B  A 2  ? B 23 ? 19 1 
1 A DC  3  1_555 B DG  10 1_555 -0.166 -0.317 -0.038 -5.986  -7.394  1.206   3  A_DC3:DG22_B  A 3  ? B 22 ? 19 1 
1 A DA  4  1_555 B 8OG 9  1_555 -0.766 5.111  -0.026 -0.315  -20.468 -84.342 4  A_DA4:8OG21_B A 4  ? B 21 ? ?  ? 
1 A DA  5  1_555 B DT  8  1_555 -0.040 -0.379 -0.071 5.848   -22.838 -1.233  5  A_DA5:DT20_B  A 5  ? B 20 ? 20 1 
1 A DA  6  1_555 B DT  7  1_555 0.487  -0.457 0.336  5.174   -21.972 -4.569  6  A_DA6:DT19_B  A 6  ? B 19 ? 20 1 
1 A DT  7  1_555 B DA  6  1_555 -0.080 -0.455 0.060  -0.698  -18.903 2.495   7  A_DT7:DA18_B  A 7  ? B 18 ? 20 1 
1 A DT  8  1_555 B DA  5  1_555 -0.038 -0.520 0.499  -12.150 -26.157 -8.050  8  A_DT8:DA17_B  A 8  ? B 17 ? 20 1 
1 A 8OG 9  1_555 B DA  4  1_555 0.086  -4.428 -0.188 2.612   18.588  83.556  9  A_8OG9:DA16_B A 9  ? B 16 ? ?  ? 
1 A DG  10 1_555 B DC  3  1_555 0.808  -0.445 0.375  4.448   -7.470  -2.601  10 A_DG10:DC15_B A 10 ? B 15 ? 19 1 
1 A DC  11 1_555 B DG  2  1_555 -0.080 -0.454 0.469  -6.403  -18.765 -7.426  11 A_DC11:DG14_B A 11 ? B 14 ? 19 1 
1 A DG  12 1_555 B DC  1  1_555 0.061  -0.294 0.278  1.997   5.237   0.506   12 A_DG12:DC13_B A 12 ? B 13 ? 19 1 
# 
loop_
_ndb_struct_na_base_pair_step.model_number 
_ndb_struct_na_base_pair_step.i_label_asym_id_1 
_ndb_struct_na_base_pair_step.i_label_comp_id_1 
_ndb_struct_na_base_pair_step.i_label_seq_id_1 
_ndb_struct_na_base_pair_step.i_symmetry_1 
_ndb_struct_na_base_pair_step.j_label_asym_id_1 
_ndb_struct_na_base_pair_step.j_label_comp_id_1 
_ndb_struct_na_base_pair_step.j_label_seq_id_1 
_ndb_struct_na_base_pair_step.j_symmetry_1 
_ndb_struct_na_base_pair_step.i_label_asym_id_2 
_ndb_struct_na_base_pair_step.i_label_comp_id_2 
_ndb_struct_na_base_pair_step.i_label_seq_id_2 
_ndb_struct_na_base_pair_step.i_symmetry_2 
_ndb_struct_na_base_pair_step.j_label_asym_id_2 
_ndb_struct_na_base_pair_step.j_label_comp_id_2 
_ndb_struct_na_base_pair_step.j_label_seq_id_2 
_ndb_struct_na_base_pair_step.j_symmetry_2 
_ndb_struct_na_base_pair_step.shift 
_ndb_struct_na_base_pair_step.slide 
_ndb_struct_na_base_pair_step.rise 
_ndb_struct_na_base_pair_step.tilt 
_ndb_struct_na_base_pair_step.roll 
_ndb_struct_na_base_pair_step.twist 
_ndb_struct_na_base_pair_step.x_displacement 
_ndb_struct_na_base_pair_step.y_displacement 
_ndb_struct_na_base_pair_step.helical_rise 
_ndb_struct_na_base_pair_step.inclination 
_ndb_struct_na_base_pair_step.tip 
_ndb_struct_na_base_pair_step.helical_twist 
_ndb_struct_na_base_pair_step.step_number 
_ndb_struct_na_base_pair_step.step_name 
_ndb_struct_na_base_pair_step.i_auth_asym_id_1 
_ndb_struct_na_base_pair_step.i_auth_seq_id_1 
_ndb_struct_na_base_pair_step.i_PDB_ins_code_1 
_ndb_struct_na_base_pair_step.j_auth_asym_id_1 
_ndb_struct_na_base_pair_step.j_auth_seq_id_1 
_ndb_struct_na_base_pair_step.j_PDB_ins_code_1 
_ndb_struct_na_base_pair_step.i_auth_asym_id_2 
_ndb_struct_na_base_pair_step.i_auth_seq_id_2 
_ndb_struct_na_base_pair_step.i_PDB_ins_code_2 
_ndb_struct_na_base_pair_step.j_auth_asym_id_2 
_ndb_struct_na_base_pair_step.j_auth_seq_id_2 
_ndb_struct_na_base_pair_step.j_PDB_ins_code_2 
1 A DC  1  1_555 B DG  12 1_555 A DG  2  1_555 B DC  11 1_555 -0.503 0.252  3.623  -2.731   5.957    37.947  -0.445  0.383  3.646  
9.078   4.161   38.488   1  AA_DC1DG2:DC23DG24_BB   A 1  ? B 24 ? A 2  ? B 23 ? 
1 A DG  2  1_555 B DC  11 1_555 A DC  3  1_555 B DG  10 1_555 0.903  0.245  3.587  4.085    -5.097   36.322  1.151   -0.814 3.598  
-8.095  -6.488  36.885   2  AA_DG2DC3:DG22DC23_BB   A 2  ? B 23 ? A 3  ? B 22 ? 
1 A DC  3  1_555 B DG  10 1_555 A DA  4  1_555 B 8OG 9  1_555 0.857  -1.305 2.761  3.638    9.078    66.554  -1.471  -0.657 2.623  
8.226   -3.297  67.187   3  AA_DC3DA4:8OG21DG22_BB  A 3  ? B 22 ? A 4  ? B 21 ? 
1 A DA  4  1_555 B 8OG 9  1_555 A DA  5  1_555 B DT  8  1_555 0.181  2.341  3.505  0.277    3.369    -0.177  -61.150 4.832  -2.162 
-86.714 7.122   -3.385   4  AA_DA4DA5:DT208OG21_BB  A 4  ? B 21 ? A 5  ? B 20 ? 
1 A DA  5  1_555 B DT  8  1_555 A DA  6  1_555 B DT  7  1_555 -0.046 -0.342 3.098  -3.509   2.364    41.338  -0.719  -0.287 3.068  
3.338   4.955   41.545   5  AA_DA5DA6:DT19DT20_BB   A 5  ? B 20 ? A 6  ? B 19 ? 
1 A DA  6  1_555 B DT  7  1_555 A DT  7  1_555 B DA  6  1_555 0.384  -0.762 3.433  3.274    -3.695   29.509  -0.658  -0.019 3.522  
-7.191  -6.371  29.910   6  AA_DA6DT7:DA18DT19_BB   A 6  ? B 19 ? A 7  ? B 18 ? 
1 A DT  7  1_555 B DA  6  1_555 A DT  8  1_555 B DA  5  1_555 -0.715 -0.402 3.580  -2.222   1.817    36.098  -0.927  0.807  3.593  
2.927   3.580   36.208   7  AA_DT7DT8:DA17DA18_BB   A 7  ? B 18 ? A 8  ? B 17 ? 
1 A DT  8  1_555 B DA  5  1_555 A 8OG 9  1_555 B DA  4  1_555 0.155  -3.341 2.252  -174.914 1.652    -16.329 1.661   -1.118 0.505  
-0.847  -89.635 -174.973 8  AA_DT88OG9:DA16DA17_BB  A 8  ? B 17 ? A 9  ? B 16 ? 
1 A 8OG 9  1_555 B DA  4  1_555 A DG  10 1_555 B DC  3  1_555 -2.904 -1.657 -0.619 139.497  -108.206 1.450   -1.406  0.709  -1.287 
-55.149 -71.096 176.545  9  AA_8OG9DG10:DC15DA16_BB A 9  ? B 16 ? A 10 ? B 15 ? 
1 A DG  10 1_555 B DC  3  1_555 A DC  11 1_555 B DG  2  1_555 -1.330 0.551  3.771  -4.285   -13.816  37.156  2.654   1.383  3.485  
-20.744 6.434   39.780   10 AA_DG10DC11:DG14DC15_BB A 10 ? B 15 ? A 11 ? B 14 ? 
1 A DC  11 1_555 B DG  2  1_555 A DG  12 1_555 B DC  1  1_555 1.045  -0.087 3.283  4.210    -2.137   35.030  0.179   -1.085 3.381  
-3.531  -6.955  35.337   11 AA_DC11DG12:DC13DG14_BB A 11 ? B 14 ? A 12 ? B 13 ? 
# 
_atom_sites.entry_id                    178D 
_atom_sites.fract_transf_matrix[1][1]   0.01044057 
_atom_sites.fract_transf_matrix[1][2]   0.02202422 
_atom_sites.fract_transf_matrix[1][3]   0.03238850 
_atom_sites.fract_transf_matrix[2][1]   0.00779213 
_atom_sites.fract_transf_matrix[2][2]   0.01813522 
_atom_sites.fract_transf_matrix[2][3]   -0.01484380 
_atom_sites.fract_transf_matrix[3][1]   -0.01402094 
_atom_sites.fract_transf_matrix[3][2]   0.00624686 
_atom_sites.fract_transf_matrix[3][3]   0.00027184 
_atom_sites.fract_transf_vector[1]      0.573083 
_atom_sites.fract_transf_vector[2]      0.518932 
_atom_sites.fract_transf_vector[3]      0.134980 
# 
loop_
_atom_type.symbol 
C 
N 
O 
P 
# 
loop_
_atom_site.group_PDB 
_atom_site.id 
_atom_site.type_symbol 
_atom_site.label_atom_id 
_atom_site.label_alt_id 
_atom_site.label_comp_id 
_atom_site.label_asym_id 
_atom_site.label_entity_id 
_atom_site.label_seq_id 
_atom_site.pdbx_PDB_ins_code 
_atom_site.Cartn_x 
_atom_site.Cartn_y 
_atom_site.Cartn_z 
_atom_site.occupancy 
_atom_site.B_iso_or_equiv 
_atom_site.pdbx_formal_charge 
_atom_site.auth_seq_id 
_atom_site.auth_comp_id 
_atom_site.auth_asym_id 
_atom_site.auth_atom_id 
_atom_site.pdbx_PDB_model_num 
ATOM   1   O "O5'" . DC  A 1 1  ? -9.745  18.899  -3.945  1.00 24.45 ? 1  DC  A "O5'" 1 
ATOM   2   C "C5'" . DC  A 1 1  ? -8.438  18.406  -3.550  1.00 18.29 ? 1  DC  A "C5'" 1 
ATOM   3   C "C4'" . DC  A 1 1  ? -8.551  17.914  -2.135  1.00 15.96 ? 1  DC  A "C4'" 1 
ATOM   4   O "O4'" . DC  A 1 1  ? -9.722  17.150  -1.926  1.00 14.52 ? 1  DC  A "O4'" 1 
ATOM   5   C "C3'" . DC  A 1 1  ? -7.396  17.044  -1.623  1.00 16.80 ? 1  DC  A "C3'" 1 
ATOM   6   O "O3'" . DC  A 1 1  ? -7.345  17.096  -0.186  1.00 19.55 ? 1  DC  A "O3'" 1 
ATOM   7   C "C2'" . DC  A 1 1  ? -7.929  15.659  -2.065  1.00 13.85 ? 1  DC  A "C2'" 1 
ATOM   8   C "C1'" . DC  A 1 1  ? -9.340  15.815  -1.503  1.00 11.71 ? 1  DC  A "C1'" 1 
ATOM   9   N N1    . DC  A 1 1  ? -10.226 14.795  -2.090  1.00 12.51 ? 1  DC  A N1    1 
ATOM   10  C C2    . DC  A 1 1  ? -11.207 14.270  -1.252  1.00 9.54  ? 1  DC  A C2    1 
ATOM   11  O O2    . DC  A 1 1  ? -11.300 14.649  -0.091  1.00 10.97 ? 1  DC  A O2    1 
ATOM   12  N N3    . DC  A 1 1  ? -12.048 13.334  -1.774  1.00 10.49 ? 1  DC  A N3    1 
ATOM   13  C C4    . DC  A 1 1  ? -11.945 12.901  -3.057  1.00 10.28 ? 1  DC  A C4    1 
ATOM   14  N N4    . DC  A 1 1  ? -12.791 11.980  -3.514  1.00 11.52 ? 1  DC  A N4    1 
ATOM   15  C C5    . DC  A 1 1  ? -10.940 13.447  -3.903  1.00 10.13 ? 1  DC  A C5    1 
ATOM   16  C C6    . DC  A 1 1  ? -10.119 14.372  -3.380  1.00 10.54 ? 1  DC  A C6    1 
ATOM   17  P P     . DG  A 1 2  ? -5.950  17.136  0.610   1.00 22.30 ? 2  DG  A P     1 
ATOM   18  O OP1   . DG  A 1 2  ? -5.606  18.548  0.978   1.00 19.54 ? 2  DG  A OP1   1 
ATOM   19  O OP2   . DG  A 1 2  ? -4.992  16.526  -0.354  1.00 21.11 ? 2  DG  A OP2   1 
ATOM   20  O "O5'" . DG  A 1 2  ? -6.222  16.243  1.902   1.00 20.05 ? 2  DG  A "O5'" 1 
ATOM   21  C "C5'" . DG  A 1 2  ? -7.497  16.394  2.597   1.00 14.73 ? 2  DG  A "C5'" 1 
ATOM   22  C "C4'" . DG  A 1 2  ? -7.489  15.309  3.653   1.00 16.15 ? 2  DG  A "C4'" 1 
ATOM   23  O "O4'" . DG  A 1 2  ? -8.327  14.246  3.248   1.00 16.98 ? 2  DG  A "O4'" 1 
ATOM   24  C "C3'" . DG  A 1 2  ? -6.118  14.662  3.899   1.00 17.77 ? 2  DG  A "C3'" 1 
ATOM   25  O "O3'" . DG  A 1 2  ? -6.067  14.015  5.169   1.00 23.75 ? 2  DG  A "O3'" 1 
ATOM   26  C "C2'" . DG  A 1 2  ? -6.114  13.647  2.742   1.00 14.74 ? 2  DG  A "C2'" 1 
ATOM   27  C "C1'" . DG  A 1 2  ? -7.528  13.092  2.917   1.00 13.37 ? 2  DG  A "C1'" 1 
ATOM   28  N N9    . DG  A 1 2  ? -7.970  12.494  1.645   1.00 13.72 ? 2  DG  A N9    1 
ATOM   29  C C8    . DG  A 1 2  ? -7.467  12.699  0.388   1.00 13.45 ? 2  DG  A C8    1 
ATOM   30  N N7    . DG  A 1 2  ? -8.074  12.001  -0.541  1.00 13.33 ? 2  DG  A N7    1 
ATOM   31  C C5    . DG  A 1 2  ? -9.039  11.280  0.153   1.00 11.75 ? 2  DG  A C5    1 
ATOM   32  C C6    . DG  A 1 2  ? -10.007 10.343  -0.287  1.00 12.22 ? 2  DG  A C6    1 
ATOM   33  O O6    . DG  A 1 2  ? -10.207 9.958   -1.442  1.00 16.87 ? 2  DG  A O6    1 
ATOM   34  N N1    . DG  A 1 2  ? -10.801 9.828   0.709   1.00 12.31 ? 2  DG  A N1    1 
ATOM   35  C C2    . DG  A 1 2  ? -10.647 10.196  2.013   1.00 12.44 ? 2  DG  A C2    1 
ATOM   36  N N2    . DG  A 1 2  ? -11.491 9.609   2.874   1.00 15.57 ? 2  DG  A N2    1 
ATOM   37  N N3    . DG  A 1 2  ? -9.758  11.067  2.481   1.00 10.78 ? 2  DG  A N3    1 
ATOM   38  C C4    . DG  A 1 2  ? -8.987  11.575  1.498   1.00 13.93 ? 2  DG  A C4    1 
ATOM   39  P P     . DC  A 1 3  ? -4.740  13.428  5.856   1.00 22.85 ? 3  DC  A P     1 
ATOM   40  O OP1   . DC  A 1 3  ? -4.261  14.343  6.950   1.00 24.57 ? 3  DC  A OP1   1 
ATOM   41  O OP2   . DC  A 1 3  ? -3.765  13.310  4.748   1.00 24.44 ? 3  DC  A OP2   1 
ATOM   42  O "O5'" . DC  A 1 3  ? -5.230  12.042  6.487   1.00 21.13 ? 3  DC  A "O5'" 1 
ATOM   43  C "C5'" . DC  A 1 3  ? -6.622  11.973  6.924   1.00 21.03 ? 3  DC  A "C5'" 1 
ATOM   44  C "C4'" . DC  A 1 3  ? -7.081  10.576  6.586   1.00 19.55 ? 3  DC  A "C4'" 1 
ATOM   45  O "O4'" . DC  A 1 3  ? -7.473  10.472  5.243   1.00 19.25 ? 3  DC  A "O4'" 1 
ATOM   46  C "C3'" . DC  A 1 3  ? -6.070  9.485   6.848   1.00 21.44 ? 3  DC  A "C3'" 1 
ATOM   47  O "O3'" . DC  A 1 3  ? -6.287  8.786   8.069   1.00 27.50 ? 3  DC  A "O3'" 1 
ATOM   48  C "C2'" . DC  A 1 3  ? -6.089  8.617   5.610   1.00 20.32 ? 3  DC  A "C2'" 1 
ATOM   49  C "C1'" . DC  A 1 3  ? -7.297  9.092   4.828   1.00 17.79 ? 3  DC  A "C1'" 1 
ATOM   50  N N1    . DC  A 1 3  ? -6.961  9.029   3.386   1.00 19.38 ? 3  DC  A N1    1 
ATOM   51  C C2    . DC  A 1 3  ? -7.790  8.261   2.578   1.00 21.51 ? 3  DC  A C2    1 
ATOM   52  O O2    . DC  A 1 3  ? -8.756  7.672   3.062   1.00 24.48 ? 3  DC  A O2    1 
ATOM   53  N N3    . DC  A 1 3  ? -7.487  8.198   1.252   1.00 21.94 ? 3  DC  A N3    1 
ATOM   54  C C4    . DC  A 1 3  ? -6.422  8.851   0.715   1.00 21.02 ? 3  DC  A C4    1 
ATOM   55  N N4    . DC  A 1 3  ? -6.180  8.745   -0.594  1.00 24.53 ? 3  DC  A N4    1 
ATOM   56  C C5    . DC  A 1 3  ? -5.581  9.628   1.554   1.00 18.21 ? 3  DC  A C5    1 
ATOM   57  C C6    . DC  A 1 3  ? -5.894  9.689   2.858   1.00 20.55 ? 3  DC  A C6    1 
ATOM   58  P P     . DA  A 1 4  ? -5.151  7.819   8.684   1.00 32.20 ? 4  DA  A P     1 
ATOM   59  O OP1   . DA  A 1 4  ? -4.747  8.283   10.049  1.00 34.36 ? 4  DA  A OP1   1 
ATOM   60  O OP2   . DA  A 1 4  ? -4.047  7.923   7.694   1.00 30.38 ? 4  DA  A OP2   1 
ATOM   61  O "O5'" . DA  A 1 4  ? -5.869  6.397   8.740   1.00 25.76 ? 4  DA  A "O5'" 1 
ATOM   62  C "C5'" . DA  A 1 4  ? -7.321  6.374   8.690   1.00 27.97 ? 4  DA  A "C5'" 1 
ATOM   63  C "C4'" . DA  A 1 4  ? -7.726  5.042   8.131   1.00 26.75 ? 4  DA  A "C4'" 1 
ATOM   64  O "O4'" . DA  A 1 4  ? -7.838  5.057   6.729   1.00 23.15 ? 4  DA  A "O4'" 1 
ATOM   65  C "C3'" . DA  A 1 4  ? -6.825  3.862   8.482   1.00 26.49 ? 4  DA  A "C3'" 1 
ATOM   66  O "O3'" . DA  A 1 4  ? -7.592  2.661   8.626   1.00 31.08 ? 4  DA  A "O3'" 1 
ATOM   67  C "C2'" . DA  A 1 4  ? -5.916  3.812   7.241   1.00 21.03 ? 4  DA  A "C2'" 1 
ATOM   68  C "C1'" . DA  A 1 4  ? -6.978  4.036   6.162   1.00 15.64 ? 4  DA  A "C1'" 1 
ATOM   69  N N9    . DA  A 1 4  ? -6.344  4.553   4.936   1.00 10.91 ? 4  DA  A N9    1 
ATOM   70  C C8    . DA  A 1 4  ? -5.228  5.335   4.813   1.00 10.32 ? 4  DA  A C8    1 
ATOM   71  N N7    . DA  A 1 4  ? -4.924  5.638   3.577   1.00 9.25  ? 4  DA  A N7    1 
ATOM   72  C C5    . DA  A 1 4  ? -5.921  5.019   2.831   1.00 11.04 ? 4  DA  A C5    1 
ATOM   73  C C6    . DA  A 1 4  ? -6.154  4.972   1.438   1.00 12.46 ? 4  DA  A C6    1 
ATOM   74  N N6    . DA  A 1 4  ? -5.389  5.574   0.542   1.00 10.77 ? 4  DA  A N6    1 
ATOM   75  N N1    . DA  A 1 4  ? -7.252  4.250   1.057   1.00 12.53 ? 4  DA  A N1    1 
ATOM   76  C C2    . DA  A 1 4  ? -8.050  3.623   1.969   1.00 12.63 ? 4  DA  A C2    1 
ATOM   77  N N3    . DA  A 1 4  ? -7.887  3.625   3.289   1.00 11.96 ? 4  DA  A N3    1 
ATOM   78  C C4    . DA  A 1 4  ? -6.804  4.345   3.654   1.00 12.65 ? 4  DA  A C4    1 
ATOM   79  P P     . DA  A 1 5  ? -6.925  1.288   9.131   1.00 38.37 ? 5  DA  A P     1 
ATOM   80  O OP1   . DA  A 1 5  ? -7.592  0.825   10.391  1.00 38.76 ? 5  DA  A OP1   1 
ATOM   81  O OP2   . DA  A 1 5  ? -5.502  1.656   9.337   1.00 34.11 ? 5  DA  A OP2   1 
ATOM   82  O "O5'" . DA  A 1 5  ? -7.176  0.265   7.937   1.00 32.92 ? 5  DA  A "O5'" 1 
ATOM   83  C "C5'" . DA  A 1 5  ? -8.525  -0.007  7.490   1.00 25.99 ? 5  DA  A "C5'" 1 
ATOM   84  C "C4'" . DA  A 1 5  ? -8.430  -0.548  6.091   1.00 20.27 ? 5  DA  A "C4'" 1 
ATOM   85  O "O4'" . DA  A 1 5  ? -7.865  0.375   5.205   1.00 18.17 ? 5  DA  A "O4'" 1 
ATOM   86  C "C3'" . DA  A 1 5  ? -7.712  -1.872  5.908   1.00 19.56 ? 5  DA  A "C3'" 1 
ATOM   87  O "O3'" . DA  A 1 5  ? -8.539  -2.854  5.291   1.00 21.89 ? 5  DA  A "O3'" 1 
ATOM   88  C "C2'" . DA  A 1 5  ? -6.472  -1.506  5.093   1.00 17.52 ? 5  DA  A "C2'" 1 
ATOM   89  C "C1'" . DA  A 1 5  ? -6.960  -0.309  4.297   1.00 16.50 ? 5  DA  A "C1'" 1 
ATOM   90  N N9    . DA  A 1 5  ? -5.846  0.575   3.915   1.00 15.46 ? 5  DA  A N9    1 
ATOM   91  C C8    . DA  A 1 5  ? -4.921  1.192   4.716   1.00 12.25 ? 5  DA  A C8    1 
ATOM   92  N N7    . DA  A 1 5  ? -4.060  1.935   4.063   1.00 15.30 ? 5  DA  A N7    1 
ATOM   93  C C5    . DA  A 1 5  ? -4.459  1.817   2.737   1.00 15.93 ? 5  DA  A C5    1 
ATOM   94  C C6    . DA  A 1 5  ? -3.937  2.385   1.544   1.00 14.16 ? 5  DA  A C6    1 
ATOM   95  N N6    . DA  A 1 5  ? -2.884  3.183   1.501   1.00 13.60 ? 5  DA  A N6    1 
ATOM   96  N N1    . DA  A 1 5  ? -4.595  2.032   0.403   1.00 10.64 ? 5  DA  A N1    1 
ATOM   97  C C2    . DA  A 1 5  ? -5.673  1.196   0.426   1.00 16.44 ? 5  DA  A C2    1 
ATOM   98  N N3    . DA  A 1 5  ? -6.210  0.632   1.511   1.00 14.47 ? 5  DA  A N3    1 
ATOM   99  C C4    . DA  A 1 5  ? -5.552  0.986   2.630   1.00 13.98 ? 5  DA  A C4    1 
ATOM   100 P P     . DA  A 1 6  ? -8.086  -4.393  5.137   1.00 25.13 ? 6  DA  A P     1 
ATOM   101 O OP1   . DA  A 1 6  ? -9.248  -5.315  5.361   1.00 19.08 ? 6  DA  A OP1   1 
ATOM   102 O OP2   . DA  A 1 6  ? -7.018  -4.539  6.154   1.00 28.98 ? 6  DA  A OP2   1 
ATOM   103 O "O5'" . DA  A 1 6  ? -7.586  -4.469  3.623   1.00 24.34 ? 6  DA  A "O5'" 1 
ATOM   104 C "C5'" . DA  A 1 6  ? -8.386  -3.802  2.603   1.00 18.83 ? 6  DA  A "C5'" 1 
ATOM   105 C "C4'" . DA  A 1 6  ? -7.641  -3.981  1.308   1.00 16.24 ? 6  DA  A "C4'" 1 
ATOM   106 O "O4'" . DA  A 1 6  ? -6.745  -2.918  1.081   1.00 14.75 ? 6  DA  A "O4'" 1 
ATOM   107 C "C3'" . DA  A 1 6  ? -6.851  -5.274  1.146   1.00 14.12 ? 6  DA  A "C3'" 1 
ATOM   108 O "O3'" . DA  A 1 6  ? -6.953  -5.799  -0.175  1.00 15.35 ? 6  DA  A "O3'" 1 
ATOM   109 C "C2'" . DA  A 1 6  ? -5.429  -4.819  1.492   1.00 12.80 ? 6  DA  A "C2'" 1 
ATOM   110 C "C1'" . DA  A 1 6  ? -5.418  -3.451  0.824   1.00 12.21 ? 6  DA  A "C1'" 1 
ATOM   111 N N9    . DA  A 1 6  ? -4.401  -2.589  1.447   1.00 12.01 ? 6  DA  A N9    1 
ATOM   112 C C8    . DA  A 1 6  ? -4.072  -2.469  2.770   1.00 13.39 ? 6  DA  A C8    1 
ATOM   113 N N7    . DA  A 1 6  ? -3.120  -1.590  2.998   1.00 16.81 ? 6  DA  A N7    1 
ATOM   114 C C5    . DA  A 1 6  ? -2.811  -1.097  1.734   1.00 12.08 ? 6  DA  A C5    1 
ATOM   115 C C6    . DA  A 1 6  ? -1.879  -0.124  1.311   1.00 10.04 ? 6  DA  A C6    1 
ATOM   116 N N6    . DA  A 1 6  ? -1.068  0.539   2.121   1.00 11.24 ? 6  DA  A N6    1 
ATOM   117 N N1    . DA  A 1 6  ? -1.849  0.097   -0.034  1.00 6.82  ? 6  DA  A N1    1 
ATOM   118 C C2    . DA  A 1 6  ? -2.672  -0.561  -0.893  1.00 9.36  ? 6  DA  A C2    1 
ATOM   119 N N3    . DA  A 1 6  ? -3.574  -1.478  -0.560  1.00 12.02 ? 6  DA  A N3    1 
ATOM   120 C C4    . DA  A 1 6  ? -3.590  -1.700  0.770   1.00 12.01 ? 6  DA  A C4    1 
ATOM   121 P P     . DT  A 1 7  ? -6.410  -7.231  -0.642  1.00 16.12 ? 7  DT  A P     1 
ATOM   122 O OP1   . DT  A 1 7  ? -7.505  -7.978  -1.349  1.00 16.30 ? 7  DT  A OP1   1 
ATOM   123 O OP2   . DT  A 1 7  ? -5.962  -7.913  0.591   1.00 14.29 ? 7  DT  A OP2   1 
ATOM   124 O "O5'" . DT  A 1 7  ? -5.241  -6.854  -1.656  1.00 9.24  ? 7  DT  A "O5'" 1 
ATOM   125 C "C5'" . DT  A 1 7  ? -5.461  -5.707  -2.527  1.00 13.64 ? 7  DT  A "C5'" 1 
ATOM   126 C "C4'" . DT  A 1 7  ? -4.118  -5.280  -3.026  1.00 16.29 ? 7  DT  A "C4'" 1 
ATOM   127 O "O4'" . DT  A 1 7  ? -3.476  -4.391  -2.148  1.00 18.66 ? 7  DT  A "O4'" 1 
ATOM   128 C "C3'" . DT  A 1 7  ? -3.127  -6.370  -3.391  1.00 13.97 ? 7  DT  A "C3'" 1 
ATOM   129 O "O3'" . DT  A 1 7  ? -2.741  -6.292  -4.766  1.00 15.40 ? 7  DT  A "O3'" 1 
ATOM   130 C "C2'" . DT  A 1 7  ? -1.957  -6.123  -2.435  1.00 12.76 ? 7  DT  A "C2'" 1 
ATOM   131 C "C1'" . DT  A 1 7  ? -2.048  -4.622  -2.239  1.00 14.27 ? 7  DT  A "C1'" 1 
ATOM   132 N N1    . DT  A 1 7  ? -1.392  -4.214  -0.980  1.00 14.21 ? 7  DT  A N1    1 
ATOM   133 C C2    . DT  A 1 7  ? -0.507  -3.151  -1.081  1.00 16.75 ? 7  DT  A C2    1 
ATOM   134 O O2    . DT  A 1 7  ? -0.264  -2.608  -2.164  1.00 17.15 ? 7  DT  A O2    1 
ATOM   135 N N3    . DT  A 1 7  ? 0.108   -2.735  0.066   1.00 15.00 ? 7  DT  A N3    1 
ATOM   136 C C4    . DT  A 1 7  ? -0.122  -3.303  1.273   1.00 14.45 ? 7  DT  A C4    1 
ATOM   137 O O4    . DT  A 1 7  ? 0.500   -2.831  2.269   1.00 15.89 ? 7  DT  A O4    1 
ATOM   138 C C5    . DT  A 1 7  ? -1.053  -4.387  1.353   1.00 13.71 ? 7  DT  A C5    1 
ATOM   139 C C7    . DT  A 1 7  ? -1.332  -5.039  2.680   1.00 15.87 ? 7  DT  A C7    1 
ATOM   140 C C6    . DT  A 1 7  ? -1.648  -4.794  0.226   1.00 10.50 ? 7  DT  A C6    1 
ATOM   141 P P     . DT  A 1 8  ? -2.086  -7.511  -5.573  1.00 25.37 ? 8  DT  A P     1 
ATOM   142 O OP1   . DT  A 1 8  ? -3.051  -8.029  -6.598  1.00 17.26 ? 8  DT  A OP1   1 
ATOM   143 O OP2   . DT  A 1 8  ? -1.749  -8.512  -4.531  1.00 22.47 ? 8  DT  A OP2   1 
ATOM   144 O "O5'" . DT  A 1 8  ? -0.800  -6.849  -6.265  1.00 21.54 ? 8  DT  A "O5'" 1 
ATOM   145 C "C5'" . DT  A 1 8  ? -0.885  -5.441  -6.604  1.00 21.29 ? 8  DT  A "C5'" 1 
ATOM   146 C "C4'" . DT  A 1 8  ? 0.454   -4.830  -6.373  1.00 19.37 ? 8  DT  A "C4'" 1 
ATOM   147 O "O4'" . DT  A 1 8  ? 0.681   -4.475  -5.033  1.00 20.00 ? 8  DT  A "O4'" 1 
ATOM   148 C "C3'" . DT  A 1 8  ? 1.679   -5.566  -6.886  1.00 21.23 ? 8  DT  A "C3'" 1 
ATOM   149 O "O3'" . DT  A 1 8  ? 2.474   -4.735  -7.737  1.00 25.26 ? 8  DT  A "O3'" 1 
ATOM   150 C "C2'" . DT  A 1 8  ? 2.411   -5.931  -5.586  1.00 20.34 ? 8  DT  A "C2'" 1 
ATOM   151 C "C1'" . DT  A 1 8  ? 2.089   -4.690  -4.758  1.00 18.78 ? 8  DT  A "C1'" 1 
ATOM   152 N N1    . DT  A 1 8  ? 2.342   -4.937  -3.331  1.00 19.20 ? 8  DT  A N1    1 
ATOM   153 C C2    . DT  A 1 8  ? 3.248   -4.082  -2.714  1.00 20.26 ? 8  DT  A C2    1 
ATOM   154 O O2    . DT  A 1 8  ? 3.813   -3.187  -3.337  1.00 20.00 ? 8  DT  A O2    1 
ATOM   155 N N3    . DT  A 1 8  ? 3.489   -4.272  -1.384  1.00 19.75 ? 8  DT  A N3    1 
ATOM   156 C C4    . DT  A 1 8  ? 2.879   -5.241  -0.658  1.00 21.17 ? 8  DT  A C4    1 
ATOM   157 O O4    . DT  A 1 8  ? 3.178   -5.325  0.569   1.00 24.96 ? 8  DT  A O4    1 
ATOM   158 C C5    . DT  A 1 8  ? 1.952   -6.107  -1.307  1.00 17.61 ? 8  DT  A C5    1 
ATOM   159 C C7    . DT  A 1 8  ? 1.269   -7.194  -0.528  1.00 18.80 ? 8  DT  A C7    1 
ATOM   160 C C6    . DT  A 1 8  ? 1.721   -5.913  -2.612  1.00 18.12 ? 8  DT  A C6    1 
HETATM 161 P P     . 8OG A 1 9  ? 3.619   -5.343  -8.688  1.00 31.84 ? 9  8OG A P     1 
HETATM 162 O OP1   . 8OG A 1 9  ? 3.198   -5.266  -10.127 1.00 33.53 ? 9  8OG A OP1   1 
HETATM 163 O OP2   . 8OG A 1 9  ? 3.767   -6.744  -8.212  1.00 29.71 ? 9  8OG A OP2   1 
HETATM 164 O "O5'" . 8OG A 1 9  ? 4.890   -4.423  -8.399  1.00 31.05 ? 9  8OG A "O5'" 1 
HETATM 165 C "C5'" . 8OG A 1 9  ? 4.796   -3.382  -7.391  1.00 28.98 ? 9  8OG A "C5'" 1 
HETATM 166 C "C4'" . 8OG A 1 9  ? 6.184   -3.123  -6.885  1.00 25.13 ? 9  8OG A "C4'" 1 
HETATM 167 O "O4'" . 8OG A 1 9  ? 6.255   -3.120  -5.483  1.00 27.06 ? 9  8OG A "O4'" 1 
HETATM 168 C "C3'" . 8OG A 1 9  ? 7.300   -4.021  -7.396  1.00 26.76 ? 9  8OG A "C3'" 1 
HETATM 169 O "O3'" . 8OG A 1 9  ? 8.493   -3.270  -7.664  1.00 30.75 ? 9  8OG A "O3'" 1 
HETATM 170 C "C2'" . 8OG A 1 9  ? 7.485   -4.971  -6.204  1.00 26.77 ? 9  8OG A "C2'" 1 
HETATM 171 C "C1'" . 8OG A 1 9  ? 7.360   -3.970  -5.066  1.00 27.73 ? 9  8OG A "C1'" 1 
HETATM 172 N N9    . 8OG A 1 9  ? 7.052   -4.639  -3.796  1.00 29.10 ? 9  8OG A N9    1 
HETATM 173 C C8    . 8OG A 1 9  ? 7.389   -4.224  -2.532  1.00 29.53 ? 9  8OG A C8    1 
HETATM 174 N N7    . 8OG A 1 9  ? 6.960   -5.006  -1.578  1.00 29.96 ? 9  8OG A N7    1 
HETATM 175 C C5    . 8OG A 1 9  ? 6.271   -6.009  -2.261  1.00 31.03 ? 9  8OG A C5    1 
HETATM 176 C C6    . 8OG A 1 9  ? 5.577   -7.154  -1.795  1.00 30.39 ? 9  8OG A C6    1 
HETATM 177 O O6    . 8OG A 1 9  ? 5.421   -7.523  -0.623  1.00 30.98 ? 9  8OG A O6    1 
HETATM 178 N N1    . 8OG A 1 9  ? 5.023   -7.921  -2.787  1.00 30.08 ? 9  8OG A N1    1 
HETATM 179 C C2    . 8OG A 1 9  ? 5.138   -7.606  -4.107  1.00 29.55 ? 9  8OG A C2    1 
HETATM 180 N N2    . 8OG A 1 9  ? 4.535   -8.461  -4.942  1.00 28.34 ? 9  8OG A N2    1 
HETATM 181 N N3    . 8OG A 1 9  ? 5.780   -6.544  -4.601  1.00 28.38 ? 9  8OG A N3    1 
HETATM 182 C C4    . 8OG A 1 9  ? 6.321   -5.790  -3.624  1.00 30.50 ? 9  8OG A C4    1 
HETATM 183 O O8    . 8OG A 1 9  ? 8.053   -3.207  -2.369  1.00 32.43 ? 9  8OG A O8    1 
ATOM   184 P P     . DG  A 1 10 ? 9.596   -3.708  -8.747  1.00 34.82 ? 10 DG  A P     1 
ATOM   185 O OP1   . DG  A 1 10 ? 9.710   -2.668  -9.821  1.00 32.06 ? 10 DG  A OP1   1 
ATOM   186 O OP2   . DG  A 1 10 ? 9.123   -5.019  -9.250  1.00 23.91 ? 10 DG  A OP2   1 
ATOM   187 O "O5'" . DG  A 1 10 ? 10.943  -3.778  -7.883  1.00 31.80 ? 10 DG  A "O5'" 1 
ATOM   188 C "C5'" . DG  A 1 10 ? 11.235  -2.633  -7.030  1.00 33.79 ? 10 DG  A "C5'" 1 
ATOM   189 C "C4'" . DG  A 1 10 ? 11.991  -3.149  -5.837  1.00 29.58 ? 10 DG  A "C4'" 1 
ATOM   190 O "O4'" . DG  A 1 10 ? 11.113  -3.812  -4.938  1.00 29.70 ? 10 DG  A "O4'" 1 
ATOM   191 C "C3'" . DG  A 1 10 ? 13.123  -4.116  -6.155  1.00 29.42 ? 10 DG  A "C3'" 1 
ATOM   192 O "O3'" . DG  A 1 10 ? 14.270  -3.948  -5.305  1.00 32.79 ? 10 DG  A "O3'" 1 
ATOM   193 C "C2'" . DG  A 1 10 ? 12.446  -5.471  -5.880  1.00 29.13 ? 10 DG  A "C2'" 1 
ATOM   194 C "C1'" . DG  A 1 10 ? 11.690  -5.077  -4.604  1.00 26.04 ? 10 DG  A "C1'" 1 
ATOM   195 N N9    . DG  A 1 10 ? 10.775  -6.155  -4.240  1.00 24.26 ? 10 DG  A N9    1 
ATOM   196 C C8    . DG  A 1 10 ? 10.165  -7.074  -5.055  1.00 25.18 ? 10 DG  A C8    1 
ATOM   197 N N7    . DG  A 1 10 ? 9.435   -7.956  -4.421  1.00 23.89 ? 10 DG  A N7    1 
ATOM   198 C C5    . DG  A 1 10 ? 9.587   -7.608  -3.082  1.00 23.63 ? 10 DG  A C5    1 
ATOM   199 C C6    . DG  A 1 10 ? 9.052   -8.173  -1.896  1.00 23.99 ? 10 DG  A C6    1 
ATOM   200 O O6    . DG  A 1 10 ? 8.297   -9.148  -1.800  1.00 25.38 ? 10 DG  A O6    1 
ATOM   201 N N1    . DG  A 1 10 ? 9.440   -7.543  -0.735  1.00 23.03 ? 10 DG  A N1    1 
ATOM   202 C C2    . DG  A 1 10 ? 10.263  -6.463  -0.740  1.00 22.74 ? 10 DG  A C2    1 
ATOM   203 N N2    . DG  A 1 10 ? 10.555  -5.960  0.465   1.00 21.17 ? 10 DG  A N2    1 
ATOM   204 N N3    . DG  A 1 10 ? 10.794  -5.897  -1.818  1.00 24.71 ? 10 DG  A N3    1 
ATOM   205 C C4    . DG  A 1 10 ? 10.412  -6.514  -2.955  1.00 23.80 ? 10 DG  A C4    1 
ATOM   206 P P     . DC  A 1 11 ? 15.391  -2.844  -5.633  1.00 39.34 ? 11 DC  A P     1 
ATOM   207 O OP1   . DC  A 1 11 ? 14.785  -1.688  -6.384  1.00 34.38 ? 11 DC  A OP1   1 
ATOM   208 O OP2   . DC  A 1 11 ? 16.389  -3.577  -6.441  1.00 32.54 ? 11 DC  A OP2   1 
ATOM   209 O "O5'" . DC  A 1 11 ? 15.892  -2.375  -4.196  1.00 32.76 ? 11 DC  A "O5'" 1 
ATOM   210 C "C5'" . DC  A 1 11 ? 15.222  -1.232  -3.584  1.00 30.98 ? 11 DC  A "C5'" 1 
ATOM   211 C "C4'" . DC  A 1 11 ? 15.235  -1.473  -2.106  1.00 28.63 ? 11 DC  A "C4'" 1 
ATOM   212 O "O4'" . DC  A 1 11 ? 14.413  -2.535  -1.706  1.00 29.34 ? 11 DC  A "O4'" 1 
ATOM   213 C "C3'" . DC  A 1 11 ? 16.595  -1.699  -1.458  1.00 27.80 ? 11 DC  A "C3'" 1 
ATOM   214 O "O3'" . DC  A 1 11 ? 16.714  -0.956  -0.239  1.00 30.63 ? 11 DC  A "O3'" 1 
ATOM   215 C "C2'" . DC  A 1 11 ? 16.610  -3.211  -1.250  1.00 26.00 ? 11 DC  A "C2'" 1 
ATOM   216 C "C1'" . DC  A 1 11 ? 15.148  -3.482  -0.894  1.00 25.08 ? 11 DC  A "C1'" 1 
ATOM   217 N N1    . DC  A 1 11 ? 14.798  -4.855  -1.313  1.00 25.05 ? 11 DC  A N1    1 
ATOM   218 C C2    . DC  A 1 11 ? 14.288  -5.708  -0.347  1.00 22.75 ? 11 DC  A C2    1 
ATOM   219 O O2    . DC  A 1 11 ? 14.155  -5.320  0.812   1.00 23.98 ? 11 DC  A O2    1 
ATOM   220 N N3    . DC  A 1 11 ? 13.946  -6.970  -0.734  1.00 23.21 ? 11 DC  A N3    1 
ATOM   221 C C4    . DC  A 1 11 ? 14.093  -7.402  -2.013  1.00 23.04 ? 11 DC  A C4    1 
ATOM   222 N N4    . DC  A 1 11 ? 13.747  -8.646  -2.334  1.00 24.23 ? 11 DC  A N4    1 
ATOM   223 C C5    . DC  A 1 11 ? 14.611  -6.517  -2.998  1.00 24.69 ? 11 DC  A C5    1 
ATOM   224 C C6    . DC  A 1 11 ? 14.943  -5.276  -2.606  1.00 26.58 ? 11 DC  A C6    1 
ATOM   225 P P     . DG  A 1 12 ? 18.090  -0.930  0.588   1.00 41.83 ? 12 DG  A P     1 
ATOM   226 O OP1   . DG  A 1 12 ? 18.078  0.203   1.569   1.00 37.51 ? 12 DG  A OP1   1 
ATOM   227 O OP2   . DG  A 1 12 ? 19.115  -0.759  -0.477  1.00 37.78 ? 12 DG  A OP2   1 
ATOM   228 O "O5'" . DG  A 1 12 ? 18.140  -2.352  1.310   1.00 41.65 ? 12 DG  A "O5'" 1 
ATOM   229 C "C5'" . DG  A 1 12 ? 17.889  -2.482  2.730   1.00 38.76 ? 12 DG  A "C5'" 1 
ATOM   230 C "C4'" . DG  A 1 12 ? 18.208  -3.895  3.118   1.00 34.71 ? 12 DG  A "C4'" 1 
ATOM   231 O "O4'" . DG  A 1 12 ? 17.492  -4.832  2.359   1.00 30.72 ? 12 DG  A "O4'" 1 
ATOM   232 C "C3'" . DG  A 1 12 ? 19.649  -4.330  3.141   1.00 33.43 ? 12 DG  A "C3'" 1 
ATOM   233 O "O3'" . DG  A 1 12 ? 20.236  -4.316  4.449   1.00 34.86 ? 12 DG  A "O3'" 1 
ATOM   234 C "C2'" . DG  A 1 12 ? 19.663  -5.710  2.507   1.00 30.78 ? 12 DG  A "C2'" 1 
ATOM   235 C "C1'" . DG  A 1 12 ? 18.203  -6.103  2.426   1.00 29.44 ? 12 DG  A "C1'" 1 
ATOM   236 N N9    . DG  A 1 12 ? 17.953  -6.848  1.176   1.00 27.64 ? 12 DG  A N9    1 
ATOM   237 C C8    . DG  A 1 12 ? 18.312  -6.501  -0.098  1.00 28.24 ? 12 DG  A C8    1 
ATOM   238 N N7    . DG  A 1 12 ? 17.921  -7.353  -1.008  1.00 28.09 ? 12 DG  A N7    1 
ATOM   239 C C5    . DG  A 1 12 ? 17.245  -8.328  -0.284  1.00 26.20 ? 12 DG  A C5    1 
ATOM   240 C C6    . DG  A 1 12 ? 16.585  -9.518  -0.689  1.00 27.29 ? 12 DG  A C6    1 
ATOM   241 O O6    . DG  A 1 12 ? 16.471  -9.948  -1.841  1.00 28.75 ? 12 DG  A O6    1 
ATOM   242 N N1    . DG  A 1 12 ? 16.012  -10.239 0.332   1.00 27.81 ? 12 DG  A N1    1 
ATOM   243 C C2    . DG  A 1 12 ? 16.092  -9.829  1.629   1.00 27.52 ? 12 DG  A C2    1 
ATOM   244 N N2    . DG  A 1 12 ? 15.501  -10.633 2.518   1.00 29.85 ? 12 DG  A N2    1 
ATOM   245 N N3    . DG  A 1 12 ? 16.699  -8.727  2.068   1.00 27.89 ? 12 DG  A N3    1 
ATOM   246 C C4    . DG  A 1 12 ? 17.249  -8.024  1.060   1.00 26.83 ? 12 DG  A C4    1 
ATOM   247 O "O5'" . DC  B 1 1  ? 11.005  -17.210 -0.276  1.00 36.99 ? 13 DC  B "O5'" 1 
ATOM   248 C "C5'" . DC  B 1 1  ? 12.088  -17.884 0.432   1.00 29.90 ? 13 DC  B "C5'" 1 
ATOM   249 C "C4'" . DC  B 1 1  ? 12.159  -17.273 1.808   1.00 25.31 ? 13 DC  B "C4'" 1 
ATOM   250 O "O4'" . DC  B 1 1  ? 13.193  -16.316 1.902   1.00 23.91 ? 13 DC  B "O4'" 1 
ATOM   251 C "C3'" . DC  B 1 1  ? 10.917  -16.526 2.285   1.00 24.54 ? 13 DC  B "C3'" 1 
ATOM   252 O "O3'" . DC  B 1 1  ? 10.875  -16.459 3.710   1.00 26.25 ? 13 DC  B "O3'" 1 
ATOM   253 C "C2'" . DC  B 1 1  ? 11.151  -15.155 1.630   1.00 20.99 ? 13 DC  B "C2'" 1 
ATOM   254 C "C1'" . DC  B 1 1  ? 12.638  -14.979 1.818   1.00 20.36 ? 13 DC  B "C1'" 1 
ATOM   255 N N1    . DC  B 1 1  ? 13.245  -14.273 0.673   1.00 17.50 ? 13 DC  B N1    1 
ATOM   256 C C2    . DC  B 1 1  ? 13.874  -13.063 0.940   1.00 14.20 ? 13 DC  B C2    1 
ATOM   257 O O2    . DC  B 1 1  ? 13.874  -12.603 2.075   1.00 16.46 ? 13 DC  B O2    1 
ATOM   258 N N3    . DC  B 1 1  ? 14.477  -12.417 -0.098  1.00 18.35 ? 13 DC  B N3    1 
ATOM   259 C C4    . DC  B 1 1  ? 14.490  -12.925 -1.358  1.00 19.42 ? 13 DC  B C4    1 
ATOM   260 N N4    . DC  B 1 1  ? 15.096  -12.247 -2.333  1.00 21.53 ? 13 DC  B N4    1 
ATOM   261 C C5    . DC  B 1 1  ? 13.853  -14.169 -1.622  1.00 18.80 ? 13 DC  B C5    1 
ATOM   262 C C6    . DC  B 1 1  ? 13.266  -14.796 -0.588  1.00 18.64 ? 13 DC  B C6    1 
ATOM   263 P P     . DG  B 1 2  ? 9.502   -16.197 4.516   1.00 32.08 ? 14 DG  B P     1 
ATOM   264 O OP1   . DG  B 1 2  ? 9.015   -17.449 5.183   1.00 28.67 ? 14 DG  B OP1   1 
ATOM   265 O OP2   . DG  B 1 2  ? 8.566   -15.708 3.471   1.00 24.15 ? 14 DG  B OP2   1 
ATOM   266 O "O5'" . DG  B 1 2  ? 9.936   -15.113 5.604   1.00 24.89 ? 14 DG  B "O5'" 1 
ATOM   267 C "C5'" . DG  B 1 2  ? 11.323  -14.655 5.597   1.00 24.66 ? 14 DG  B "C5'" 1 
ATOM   268 C "C4'" . DG  B 1 2  ? 11.285  -13.241 6.120   1.00 21.92 ? 14 DG  B "C4'" 1 
ATOM   269 O "O4'" . DG  B 1 2  ? 11.838  -12.330 5.212   1.00 21.70 ? 14 DG  B "O4'" 1 
ATOM   270 C "C3'" . DG  B 1 2  ? 9.892   -12.702 6.452   1.00 22.14 ? 14 DG  B "C3'" 1 
ATOM   271 O "O3'" . DG  B 1 2  ? 9.963   -11.689 7.464   1.00 24.57 ? 14 DG  B "O3'" 1 
ATOM   272 C "C2'" . DG  B 1 2  ? 9.505   -12.085 5.096   1.00 20.48 ? 14 DG  B "C2'" 1 
ATOM   273 C "C1'" . DG  B 1 2  ? 10.825  -11.399 4.747   1.00 21.13 ? 14 DG  B "C1'" 1 
ATOM   274 N N9    . DG  B 1 2  ? 10.899  -11.246 3.282   1.00 19.39 ? 14 DG  B N9    1 
ATOM   275 C C8    . DG  B 1 2  ? 10.354  -12.045 2.316   1.00 20.03 ? 14 DG  B C8    1 
ATOM   276 N N7    . DG  B 1 2  ? 10.609  -11.643 1.096   1.00 22.69 ? 14 DG  B N7    1 
ATOM   277 C C5    . DG  B 1 2  ? 11.391  -10.505 1.273   1.00 19.51 ? 14 DG  B C5    1 
ATOM   278 C C6    . DG  B 1 2  ? 11.988  -9.620  0.337   1.00 20.14 ? 14 DG  B C6    1 
ATOM   279 O O6    . DG  B 1 2  ? 11.924  -9.678  -0.893  1.00 22.13 ? 14 DG  B O6    1 
ATOM   280 N N1    . DG  B 1 2  ? 12.694  -8.585  0.900   1.00 20.71 ? 14 DG  B N1    1 
ATOM   281 C C2    . DG  B 1 2  ? 12.809  -8.436  2.247   1.00 20.71 ? 14 DG  B C2    1 
ATOM   282 N N2    . DG  B 1 2  ? 13.529  -7.382  2.647   1.00 19.48 ? 14 DG  B N2    1 
ATOM   283 N N3    . DG  B 1 2  ? 12.271  -9.237  3.169   1.00 21.14 ? 14 DG  B N3    1 
ATOM   284 C C4    . DG  B 1 2  ? 11.574  -10.248 2.612   1.00 19.87 ? 14 DG  B C4    1 
ATOM   285 P P     . DC  B 1 3  ? 8.678   -11.281 8.331   1.00 23.68 ? 15 DC  B P     1 
ATOM   286 O OP1   . DC  B 1 3  ? 8.799   -11.838 9.722   1.00 26.71 ? 15 DC  B OP1   1 
ATOM   287 O OP2   . DC  B 1 3  ? 7.540   -11.865 7.580   1.00 25.51 ? 15 DC  B OP2   1 
ATOM   288 O "O5'" . DC  B 1 3  ? 8.738   -9.690  8.333   1.00 20.97 ? 15 DC  B "O5'" 1 
ATOM   289 C "C5'" . DC  B 1 3  ? 10.011  -9.036  8.574   1.00 13.63 ? 15 DC  B "C5'" 1 
ATOM   290 C "C4'" . DC  B 1 3  ? 10.093  -7.913  7.572   1.00 12.46 ? 15 DC  B "C4'" 1 
ATOM   291 O "O4'" . DC  B 1 3  ? 10.057  -8.414  6.253   1.00 15.01 ? 15 DC  B "O4'" 1 
ATOM   292 C "C3'" . DC  B 1 3  ? 9.003   -6.873  7.656   1.00 15.46 ? 15 DC  B "C3'" 1 
ATOM   293 O "O3'" . DC  B 1 3  ? 9.390   -5.663  8.314   1.00 20.62 ? 15 DC  B "O3'" 1 
ATOM   294 C "C2'" . DC  B 1 3  ? 8.538   -6.638  6.230   1.00 15.39 ? 15 DC  B "C2'" 1 
ATOM   295 C "C1'" . DC  B 1 3  ? 9.597   -7.331  5.402   1.00 13.86 ? 15 DC  B "C1'" 1 
ATOM   296 N N1    . DC  B 1 3  ? 9.002   -7.857  4.162   1.00 12.83 ? 15 DC  B N1    1 
ATOM   297 C C2    . DC  B 1 3  ? 9.446   -7.291  2.973   1.00 15.20 ? 15 DC  B C2    1 
ATOM   298 O O2    . DC  B 1 3  ? 10.279  -6.384  2.989   1.00 12.28 ? 15 DC  B O2    1 
ATOM   299 N N3    . DC  B 1 3  ? 8.920   -7.765  1.807   1.00 17.75 ? 15 DC  B N3    1 
ATOM   300 C C4    . DC  B 1 3  ? 7.996   -8.764  1.786   1.00 17.70 ? 15 DC  B C4    1 
ATOM   301 N N4    . DC  B 1 3  ? 7.516   -9.183  0.611   1.00 16.38 ? 15 DC  B N4    1 
ATOM   302 C C5    . DC  B 1 3  ? 7.555   -9.344  3.009   1.00 16.71 ? 15 DC  B C5    1 
ATOM   303 C C6    . DC  B 1 3  ? 8.085   -8.862  4.146   1.00 14.89 ? 15 DC  B C6    1 
ATOM   304 P P     . DA  B 1 4  ? 8.253   -4.776  9.057   1.00 25.91 ? 16 DA  B P     1 
ATOM   305 O OP1   . DA  B 1 4  ? 8.346   -4.982  10.538  1.00 29.62 ? 16 DA  B OP1   1 
ATOM   306 O OP2   . DA  B 1 4  ? 6.980   -5.287  8.499   1.00 26.68 ? 16 DA  B OP2   1 
ATOM   307 O "O5'" . DA  B 1 4  ? 8.633   -3.295  8.627   1.00 22.56 ? 16 DA  B "O5'" 1 
ATOM   308 C "C5'" . DA  B 1 4  ? 10.021  -2.999  8.301   1.00 20.49 ? 16 DA  B "C5'" 1 
ATOM   309 C "C4'" . DA  B 1 4  ? 10.008  -2.171  7.050   1.00 18.95 ? 16 DA  B "C4'" 1 
ATOM   310 O "O4'" . DA  B 1 4  ? 9.758   -2.925  5.896   1.00 18.86 ? 16 DA  B "O4'" 1 
ATOM   311 C "C3'" . DA  B 1 4  ? 9.088   -0.955  7.023   1.00 16.18 ? 16 DA  B "C3'" 1 
ATOM   312 O "O3'" . DA  B 1 4  ? 9.765   0.201   6.540   1.00 21.00 ? 16 DA  B "O3'" 1 
ATOM   313 C "C2'" . DA  B 1 4  ? 7.961   -1.428  6.114   1.00 13.54 ? 16 DA  B "C2'" 1 
ATOM   314 C "C1'" . DA  B 1 4  ? 8.723   -2.283  5.107   1.00 13.32 ? 16 DA  B "C1'" 1 
ATOM   315 N N9    . DA  B 1 4  ? 7.812   -3.296  4.543   1.00 11.00 ? 16 DA  B N9    1 
ATOM   316 C C8    . DA  B 1 4  ? 6.873   -4.054  5.192   1.00 10.32 ? 16 DA  B C8    1 
ATOM   317 N N7    . DA  B 1 4  ? 6.231   -4.884  4.406   1.00 10.05 ? 16 DA  B N7    1 
ATOM   318 C C5    . DA  B 1 4  ? 6.791   -4.661  3.154   1.00 7.51  ? 16 DA  B C5    1 
ATOM   319 C C6    . DA  B 1 4  ? 6.522   -5.243  1.892   1.00 8.53  ? 16 DA  B C6    1 
ATOM   320 N N6    . DA  B 1 4  ? 5.619   -6.186  1.679   1.00 5.66  ? 16 DA  B N6    1 
ATOM   321 N N1    . DA  B 1 4  ? 7.281   -4.760  0.866   1.00 9.61  ? 16 DA  B N1    1 
ATOM   322 C C2    . DA  B 1 4  ? 8.221   -3.794  1.064   1.00 11.39 ? 16 DA  B C2    1 
ATOM   323 N N3    . DA  B 1 4  ? 8.513   -3.206  2.218   1.00 11.40 ? 16 DA  B N3    1 
ATOM   324 C C4    . DA  B 1 4  ? 7.760   -3.690  3.226   1.00 8.02  ? 16 DA  B C4    1 
ATOM   325 P P     . DA  B 1 5  ? 9.148   1.669   6.447   1.00 24.51 ? 17 DA  B P     1 
ATOM   326 O OP1   . DA  B 1 5  ? 9.958   2.638   7.254   1.00 24.59 ? 17 DA  B OP1   1 
ATOM   327 O OP2   . DA  B 1 5  ? 7.768   1.527   6.977   1.00 20.51 ? 17 DA  B OP2   1 
ATOM   328 O "O5'" . DA  B 1 5  ? 9.244   2.001   4.888   1.00 18.07 ? 17 DA  B "O5'" 1 
ATOM   329 C "C5'" . DA  B 1 5  ? 10.211  1.260   4.099   1.00 17.49 ? 17 DA  B "C5'" 1 
ATOM   330 C "C4'" . DA  B 1 5  ? 10.014  1.587   2.659   1.00 19.09 ? 17 DA  B "C4'" 1 
ATOM   331 O "O4'" . DA  B 1 5  ? 9.324   0.597   1.942   1.00 22.23 ? 17 DA  B "O4'" 1 
ATOM   332 C "C3'" . DA  B 1 5  ? 9.345   2.903   2.278   1.00 22.16 ? 17 DA  B "C3'" 1 
ATOM   333 O "O3'" . DA  B 1 5  ? 9.842   3.386   1.019   1.00 29.62 ? 17 DA  B "O3'" 1 
ATOM   334 C "C2'" . DA  B 1 5  ? 7.882   2.441   2.159   1.00 20.23 ? 17 DA  B "C2'" 1 
ATOM   335 C "C1'" . DA  B 1 5  ? 8.076   1.117   1.429   1.00 18.45 ? 17 DA  B "C1'" 1 
ATOM   336 N N9    . DA  B 1 5  ? 6.964   0.206   1.774   1.00 20.50 ? 17 DA  B N9    1 
ATOM   337 C C8    . DA  B 1 5  ? 6.334   0.052   2.980   1.00 19.29 ? 17 DA  B C8    1 
ATOM   338 N N7    . DA  B 1 5  ? 5.383   -0.850  2.968   1.00 18.54 ? 17 DA  B N7    1 
ATOM   339 C C5    . DA  B 1 5  ? 5.396   -1.324  1.656   1.00 20.58 ? 17 DA  B C5    1 
ATOM   340 C C6    . DA  B 1 5  ? 4.615   -2.314  1.013   1.00 19.74 ? 17 DA  B C6    1 
ATOM   341 N N6    . DA  B 1 5  ? 3.656   -3.003  1.608   1.00 18.60 ? 17 DA  B N6    1 
ATOM   342 N N1    . DA  B 1 5  ? 4.918   -2.521  -0.300  1.00 20.04 ? 17 DA  B N1    1 
ATOM   343 C C2    . DA  B 1 5  ? 5.905   -1.830  -0.931  1.00 22.46 ? 17 DA  B C2    1 
ATOM   344 N N3    . DA  B 1 5  ? 6.678   -0.887  -0.385  1.00 23.69 ? 17 DA  B N3    1 
ATOM   345 C C4    . DA  B 1 5  ? 6.371   -0.688  0.916   1.00 22.05 ? 17 DA  B C4    1 
ATOM   346 P P     . DA  B 1 6  ? 9.305   4.752   0.367   1.00 29.84 ? 18 DA  B P     1 
ATOM   347 O OP1   . DA  B 1 6  ? 10.460  5.528   -0.202  1.00 29.86 ? 18 DA  B OP1   1 
ATOM   348 O OP2   . DA  B 1 6  ? 8.643   5.443   1.501   1.00 28.77 ? 18 DA  B OP2   1 
ATOM   349 O "O5'" . DA  B 1 6  ? 8.311   4.267   -0.776  1.00 34.49 ? 18 DA  B "O5'" 1 
ATOM   350 C "C5'" . DA  B 1 6  ? 8.318   2.878   -1.195  1.00 35.76 ? 18 DA  B "C5'" 1 
ATOM   351 C "C4'" . DA  B 1 6  ? 7.401   2.775   -2.389  1.00 33.01 ? 18 DA  B "C4'" 1 
ATOM   352 O "O4'" . DA  B 1 6  ? 6.391   1.811   -2.185  1.00 29.51 ? 18 DA  B "O4'" 1 
ATOM   353 C "C3'" . DA  B 1 6  ? 6.663   4.051   -2.787  1.00 32.82 ? 18 DA  B "C3'" 1 
ATOM   354 O "O3'" . DA  B 1 6  ? 6.373   4.085   -4.184  1.00 36.66 ? 18 DA  B "O3'" 1 
ATOM   355 C "C2'" . DA  B 1 6  ? 5.411   3.940   -1.909  1.00 26.72 ? 18 DA  B "C2'" 1 
ATOM   356 C "C1'" . DA  B 1 6  ? 5.119   2.457   -2.002  1.00 18.68 ? 18 DA  B "C1'" 1 
ATOM   357 N N9    . DA  B 1 6  ? 4.442   1.973   -0.785  1.00 14.24 ? 18 DA  B N9    1 
ATOM   358 C C8    . DA  B 1 6  ? 4.544   2.418   0.500   1.00 12.17 ? 18 DA  B C8    1 
ATOM   359 N N7    . DA  B 1 6  ? 3.794   1.768   1.357   1.00 10.61 ? 18 DA  B N7    1 
ATOM   360 C C5    . DA  B 1 6  ? 3.148   0.817   0.573   1.00 12.87 ? 18 DA  B C5    1 
ATOM   361 C C6    . DA  B 1 6  ? 2.213   -0.192  0.903   1.00 12.30 ? 18 DA  B C6    1 
ATOM   362 N N6    . DA  B 1 6  ? 1.755   -0.423  2.118   1.00 12.48 ? 18 DA  B N6    1 
ATOM   363 N N1    . DA  B 1 6  ? 1.804   -0.952  -0.153  1.00 13.82 ? 18 DA  B N1    1 
ATOM   364 C C2    . DA  B 1 6  ? 2.260   -0.753  -1.416  1.00 12.45 ? 18 DA  B C2    1 
ATOM   365 N N3    . DA  B 1 6  ? 3.136   0.174   -1.790  1.00 15.66 ? 18 DA  B N3    1 
ATOM   366 C C4    . DA  B 1 6  ? 3.542   0.927   -0.743  1.00 14.91 ? 18 DA  B C4    1 
ATOM   367 P P     . DT  B 1 7  ? 5.786   5.379   -4.945  1.00 39.25 ? 19 DT  B P     1 
ATOM   368 O OP1   . DT  B 1 7  ? 6.730   5.815   -6.034  1.00 32.94 ? 19 DT  B OP1   1 
ATOM   369 O OP2   . DT  B 1 7  ? 5.640   6.395   -3.875  1.00 32.09 ? 19 DT  B OP2   1 
ATOM   370 O "O5'" . DT  B 1 7  ? 4.415   4.839   -5.565  1.00 31.63 ? 19 DT  B "O5'" 1 
ATOM   371 C "C5'" . DT  B 1 7  ? 4.400   3.503   -6.128  1.00 25.76 ? 19 DT  B "C5'" 1 
ATOM   372 C "C4'" . DT  B 1 7  ? 3.062   2.892   -5.899  1.00 22.31 ? 19 DT  B "C4'" 1 
ATOM   373 O "O4'" . DT  B 1 7  ? 2.814   2.452   -4.591  1.00 20.46 ? 19 DT  B "O4'" 1 
ATOM   374 C "C3'" . DT  B 1 7  ? 1.812   3.549   -6.433  1.00 21.43 ? 19 DT  B "C3'" 1 
ATOM   375 O "O3'" . DT  B 1 7  ? 1.216   2.804   -7.506  1.00 22.25 ? 19 DT  B "O3'" 1 
ATOM   376 C "C2'" . DT  B 1 7  ? 0.886   3.596   -5.217  1.00 19.86 ? 19 DT  B "C2'" 1 
ATOM   377 C "C1'" . DT  B 1 7  ? 1.361   2.373   -4.441  1.00 18.51 ? 19 DT  B "C1'" 1 
ATOM   378 N N1    . DT  B 1 7  ? 0.964   2.508   -3.029  1.00 16.53 ? 19 DT  B N1    1 
ATOM   379 C C2    . DT  B 1 7  ? 0.030   1.591   -2.564  1.00 18.03 ? 19 DT  B C2    1 
ATOM   380 O O2    . DT  B 1 7  ? -0.430  0.718   -3.300  1.00 16.97 ? 19 DT  B O2    1 
ATOM   381 N N3    . DT  B 1 7  ? -0.355  1.694   -1.259  1.00 17.57 ? 19 DT  B N3    1 
ATOM   382 C C4    . DT  B 1 7  ? 0.133   2.641   -0.418  1.00 19.68 ? 19 DT  B C4    1 
ATOM   383 O O4    . DT  B 1 7  ? -0.293  2.657   0.771   1.00 23.61 ? 19 DT  B O4    1 
ATOM   384 C C5    . DT  B 1 7  ? 1.095   3.573   -0.918  1.00 18.26 ? 19 DT  B C5    1 
ATOM   385 C C7    . DT  B 1 7  ? 1.653   4.645   -0.023  1.00 14.93 ? 19 DT  B C7    1 
ATOM   386 C C6    . DT  B 1 7  ? 1.469   3.461   -2.200  1.00 16.91 ? 19 DT  B C6    1 
ATOM   387 P P     . DT  B 1 8  ? 0.083   3.499   -8.411  1.00 23.86 ? 20 DT  B P     1 
ATOM   388 O OP1   . DT  B 1 8  ? 0.332   3.244   -9.865  1.00 27.00 ? 20 DT  B OP1   1 
ATOM   389 O OP2   . DT  B 1 8  ? 0.199   4.932   -8.040  1.00 30.75 ? 20 DT  B OP2   1 
ATOM   390 O "O5'" . DT  B 1 8  ? -1.278  2.812   -7.937  1.00 28.83 ? 20 DT  B "O5'" 1 
ATOM   391 C "C5'" . DT  B 1 8  ? -1.420  1.379   -8.112  1.00 23.92 ? 20 DT  B "C5'" 1 
ATOM   392 C "C4'" . DT  B 1 8  ? -2.571  0.920   -7.283  1.00 19.53 ? 20 DT  B "C4'" 1 
ATOM   393 O "O4'" . DT  B 1 8  ? -2.394  1.082   -5.908  1.00 21.73 ? 20 DT  B "O4'" 1 
ATOM   394 C "C3'" . DT  B 1 8  ? -3.959  1.423   -7.632  1.00 18.94 ? 20 DT  B "C3'" 1 
ATOM   395 O "O3'" . DT  B 1 8  ? -4.898  0.345   -7.745  1.00 19.91 ? 20 DT  B "O3'" 1 
ATOM   396 C "C2'" . DT  B 1 8  ? -4.281  2.348   -6.449  1.00 17.65 ? 20 DT  B "C2'" 1 
ATOM   397 C "C1'" . DT  B 1 8  ? -3.638  1.578   -5.322  1.00 19.71 ? 20 DT  B "C1'" 1 
ATOM   398 N N1    . DT  B 1 8  ? -3.314  2.433   -4.167  1.00 19.89 ? 20 DT  B N1    1 
ATOM   399 C C2    . DT  B 1 8  ? -3.772  1.989   -2.930  1.00 20.05 ? 20 DT  B C2    1 
ATOM   400 O O2    . DT  B 1 8  ? -4.448  0.964   -2.831  1.00 17.69 ? 20 DT  B O2    1 
ATOM   401 N N3    . DT  B 1 8  ? -3.453  2.739   -1.832  1.00 20.18 ? 20 DT  B N3    1 
ATOM   402 C C4    . DT  B 1 8  ? -2.712  3.877   -1.912  1.00 17.71 ? 20 DT  B C4    1 
ATOM   403 O O4    . DT  B 1 8  ? -2.480  4.495   -0.833  1.00 20.59 ? 20 DT  B O4    1 
ATOM   404 C C5    . DT  B 1 8  ? -2.244  4.309   -3.186  1.00 17.24 ? 20 DT  B C5    1 
ATOM   405 C C7    . DT  B 1 8  ? -1.420  5.558   -3.309  1.00 16.60 ? 20 DT  B C7    1 
ATOM   406 C C6    . DT  B 1 8  ? -2.562  3.563   -4.251  1.00 18.91 ? 20 DT  B C6    1 
HETATM 407 P P     . 8OG B 1 9  ? -6.205  0.494   -8.666  1.00 29.52 ? 21 8OG B P     1 
HETATM 408 O OP1   . 8OG B 1 9  ? -6.231  -0.574  -9.716  1.00 31.19 ? 21 8OG B OP1   1 
HETATM 409 O OP2   . 8OG B 1 9  ? -6.085  1.859   -9.234  1.00 29.84 ? 21 8OG B OP2   1 
HETATM 410 O "O5'" . 8OG B 1 9  ? -7.406  0.315   -7.635  1.00 28.28 ? 21 8OG B "O5'" 1 
HETATM 411 C "C5'" . 8OG B 1 9  ? -7.226  -0.534  -6.471  1.00 23.07 ? 21 8OG B "C5'" 1 
HETATM 412 C "C4'" . 8OG B 1 9  ? -8.307  -0.169  -5.500  1.00 24.82 ? 21 8OG B "C4'" 1 
HETATM 413 O "O4'" . 8OG B 1 9  ? -7.802  0.417   -4.332  1.00 23.36 ? 21 8OG B "O4'" 1 
HETATM 414 C "C3'" . 8OG B 1 9  ? -9.457  0.682   -6.001  1.00 25.54 ? 21 8OG B "C3'" 1 
HETATM 415 O "O3'" . 8OG B 1 9  ? -10.720 0.063   -5.797  1.00 28.62 ? 21 8OG B "O3'" 1 
HETATM 416 C "C2'" . 8OG B 1 9  ? -9.281  1.988   -5.223  1.00 22.78 ? 21 8OG B "C2'" 1 
HETATM 417 C "C1'" . 8OG B 1 9  ? -8.691  1.479   -3.919  1.00 22.85 ? 21 8OG B "C1'" 1 
HETATM 418 N N9    . 8OG B 1 9  ? -7.935  2.555   -3.257  1.00 22.47 ? 21 8OG B N9    1 
HETATM 419 C C8    . 8OG B 1 9  ? -7.841  2.802   -1.909  1.00 23.55 ? 21 8OG B C8    1 
HETATM 420 N N7    . 8OG B 1 9  ? -7.103  3.840   -1.608  1.00 23.38 ? 21 8OG B N7    1 
HETATM 421 C C5    . 8OG B 1 9  ? -6.681  4.313   -2.850  1.00 23.88 ? 21 8OG B C5    1 
HETATM 422 C C6    . 8OG B 1 9  ? -5.855  5.411   -3.209  1.00 22.27 ? 21 8OG B C6    1 
HETATM 423 O O6    . 8OG B 1 9  ? -5.303  6.218   -2.453  1.00 23.05 ? 21 8OG B O6    1 
HETATM 424 N N1    . 8OG B 1 9  ? -5.659  5.558   -4.557  1.00 21.67 ? 21 8OG B N1    1 
HETATM 425 C C2    . 8OG B 1 9  ? -6.217  4.715   -5.469  1.00 24.40 ? 21 8OG B C2    1 
HETATM 426 N N2    . 8OG B 1 9  ? -5.937  4.998   -6.749  1.00 22.96 ? 21 8OG B N2    1 
HETATM 427 N N3    . 8OG B 1 9  ? -7.002  3.676   -5.191  1.00 24.98 ? 21 8OG B N3    1 
HETATM 428 C C4    . 8OG B 1 9  ? -7.184  3.529   -3.862  1.00 22.89 ? 21 8OG B C4    1 
HETATM 429 O O8    . 8OG B 1 9  ? -8.431  2.069   -1.128  1.00 28.37 ? 21 8OG B O8    1 
ATOM   430 P P     . DG  B 1 10 ? -12.128 0.563   -6.356  1.00 31.22 ? 22 DG  B P     1 
ATOM   431 O OP1   . DG  B 1 10 ? -12.977 -0.605  -6.767  1.00 28.74 ? 22 DG  B OP1   1 
ATOM   432 O OP2   . DG  B 1 10 ? -11.801 1.442   -7.510  1.00 31.16 ? 22 DG  B OP2   1 
ATOM   433 O "O5'" . DG  B 1 10 ? -12.791 1.340   -5.123  1.00 31.93 ? 22 DG  B "O5'" 1 
ATOM   434 C "C5'" . DG  B 1 10 ? -12.882 0.697   -3.827  1.00 21.95 ? 22 DG  B "C5'" 1 
ATOM   435 C "C4'" . DG  B 1 10 ? -13.335 1.719   -2.829  1.00 19.48 ? 22 DG  B "C4'" 1 
ATOM   436 O "O4'" . DG  B 1 10 ? -12.284 2.519   -2.344  1.00 20.26 ? 22 DG  B "O4'" 1 
ATOM   437 C "C3'" . DG  B 1 10 ? -14.454 2.665   -3.250  1.00 22.88 ? 22 DG  B "C3'" 1 
ATOM   438 O "O3'" . DG  B 1 10 ? -15.290 2.998   -2.138  1.00 27.73 ? 22 DG  B "O3'" 1 
ATOM   439 C "C2'" . DG  B 1 10 ? -13.616 3.906   -3.653  1.00 23.02 ? 22 DG  B "C2'" 1 
ATOM   440 C "C1'" . DG  B 1 10 ? -12.662 3.918   -2.457  1.00 18.67 ? 22 DG  B "C1'" 1 
ATOM   441 N N9    . DG  B 1 10 ? -11.502 4.772   -2.766  1.00 16.88 ? 22 DG  B N9    1 
ATOM   442 C C8    . DG  B 1 10 ? -11.008 5.134   -3.990  1.00 14.31 ? 22 DG  B C8    1 
ATOM   443 N N7    . DG  B 1 10 ? -9.960  5.915   -3.927  1.00 16.81 ? 22 DG  B N7    1 
ATOM   444 C C5    . DG  B 1 10 ? -9.746  6.081   -2.562  1.00 16.92 ? 22 DG  B C5    1 
ATOM   445 C C6    . DG  B 1 10 ? -8.763  6.813   -1.845  1.00 17.70 ? 22 DG  B C6    1 
ATOM   446 O O6    . DG  B 1 10 ? -7.842  7.492   -2.310  1.00 16.45 ? 22 DG  B O6    1 
ATOM   447 N N1    . DG  B 1 10 ? -8.877  6.738   -0.475  1.00 18.94 ? 22 DG  B N1    1 
ATOM   448 C C2    . DG  B 1 10 ? -9.865  6.015   0.125   1.00 17.43 ? 22 DG  B C2    1 
ATOM   449 N N2    . DG  B 1 10 ? -9.856  6.041   1.462   1.00 19.03 ? 22 DG  B N2    1 
ATOM   450 N N3    . DG  B 1 10 ? -10.804 5.312   -0.500  1.00 17.34 ? 22 DG  B N3    1 
ATOM   451 C C4    . DG  B 1 10 ? -10.689 5.390   -1.840  1.00 16.37 ? 22 DG  B C4    1 
ATOM   452 P P     . DC  B 1 11 ? -16.866 2.709   -2.098  1.00 28.67 ? 23 DC  B P     1 
ATOM   453 O OP1   . DC  B 1 11 ? -17.150 1.245   -2.205  1.00 33.36 ? 23 DC  B OP1   1 
ATOM   454 O OP2   . DC  B 1 11 ? -17.394 3.479   -3.254  1.00 34.44 ? 23 DC  B OP2   1 
ATOM   455 O "O5'" . DC  B 1 11 ? -17.291 3.278   -0.669  1.00 32.14 ? 23 DC  B "O5'" 1 
ATOM   456 C "C5'" . DC  B 1 11 ? -16.624 2.754   0.508   1.00 29.64 ? 23 DC  B "C5'" 1 
ATOM   457 C "C4'" . DC  B 1 11 ? -16.284 3.912   1.408   1.00 24.96 ? 23 DC  B "C4'" 1 
ATOM   458 O "O4'" . DC  B 1 11 ? -15.054 4.491   1.070   1.00 25.43 ? 23 DC  B "O4'" 1 
ATOM   459 C "C3'" . DC  B 1 11 ? -17.304 5.011   1.547   1.00 25.82 ? 23 DC  B "C3'" 1 
ATOM   460 O "O3'" . DC  B 1 11 ? -17.989 5.050   2.800   1.00 28.35 ? 23 DC  B "O3'" 1 
ATOM   461 C "C2'" . DC  B 1 11 ? -16.577 6.288   1.207   1.00 27.09 ? 23 DC  B "C2'" 1 
ATOM   462 C "C1'" . DC  B 1 11 ? -15.108 5.913   1.303   1.00 26.51 ? 23 DC  B "C1'" 1 
ATOM   463 N N1    . DC  B 1 11 ? -14.370 6.655   0.259   1.00 26.45 ? 23 DC  B N1    1 
ATOM   464 C C2    . DC  B 1 11 ? -13.392 7.537   0.692   1.00 26.20 ? 23 DC  B C2    1 
ATOM   465 O O2    . DC  B 1 11 ? -13.146 7.668   1.890   1.00 27.56 ? 23 DC  B O2    1 
ATOM   466 N N3    . DC  B 1 11 ? -12.705 8.239   -0.259  1.00 25.01 ? 23 DC  B N3    1 
ATOM   467 C C4    . DC  B 1 11 ? -12.962 8.104   -1.582  1.00 24.40 ? 23 DC  B C4    1 
ATOM   468 N N4    . DC  B 1 11 ? -12.263 8.813   -2.472  1.00 29.44 ? 23 DC  B N4    1 
ATOM   469 C C5    . DC  B 1 11 ? -13.978 7.204   -2.016  1.00 24.35 ? 23 DC  B C5    1 
ATOM   470 C C6    . DC  B 1 11 ? -14.643 6.517   -1.069  1.00 26.51 ? 23 DC  B C6    1 
ATOM   471 P P     . DG  B 1 12 ? -19.359 5.890   2.965   1.00 28.16 ? 24 DG  B P     1 
ATOM   472 O OP1   . DG  B 1 12 ? -20.322 5.161   3.845   1.00 29.76 ? 24 DG  B OP1   1 
ATOM   473 O OP2   . DG  B 1 12 ? -19.855 6.022   1.571   1.00 27.63 ? 24 DG  B OP2   1 
ATOM   474 O "O5'" . DG  B 1 12 ? -18.879 7.259   3.623   1.00 30.40 ? 24 DG  B "O5'" 1 
ATOM   475 C "C5'" . DG  B 1 12 ? -18.245 7.248   4.926   1.00 26.57 ? 24 DG  B "C5'" 1 
ATOM   476 C "C4'" . DG  B 1 12 ? -17.575 8.584   5.111   1.00 23.04 ? 24 DG  B "C4'" 1 
ATOM   477 O "O4'" . DG  B 1 12 ? -16.325 8.616   4.459   1.00 19.97 ? 24 DG  B "O4'" 1 
ATOM   478 C "C3'" . DG  B 1 12 ? -18.330 9.808   4.627   1.00 19.39 ? 24 DG  B "C3'" 1 
ATOM   479 O "O3'" . DG  B 1 12 ? -19.349 10.269  5.517   1.00 16.68 ? 24 DG  B "O3'" 1 
ATOM   480 C "C2'" . DG  B 1 12 ? -17.203 10.823  4.472   1.00 21.37 ? 24 DG  B "C2'" 1 
ATOM   481 C "C1'" . DG  B 1 12 ? -16.052 9.955   4.009   1.00 20.88 ? 24 DG  B "C1'" 1 
ATOM   482 N N9    . DG  B 1 12 ? -15.960 10.016  2.534   1.00 21.93 ? 24 DG  B N9    1 
ATOM   483 C C8    . DG  B 1 12 ? -16.726 9.361   1.608   1.00 21.21 ? 24 DG  B C8    1 
ATOM   484 N N7    . DG  B 1 12 ? -16.396 9.628   0.369   1.00 20.50 ? 24 DG  B N7    1 
ATOM   485 C C5    . DG  B 1 12 ? -15.333 10.519  0.486   1.00 19.11 ? 24 DG  B C5    1 
ATOM   486 C C6    . DG  B 1 12 ? -14.542 11.170  -0.492  1.00 19.28 ? 24 DG  B C6    1 
ATOM   487 O O6    . DG  B 1 12 ? -14.639 11.069  -1.717  1.00 19.54 ? 24 DG  B O6    1 
ATOM   488 N N1    . DG  B 1 12 ? -13.566 11.995  0.018   1.00 18.89 ? 24 DG  B N1    1 
ATOM   489 C C2    . DG  B 1 12 ? -13.394 12.159  1.361   1.00 18.68 ? 24 DG  B C2    1 
ATOM   490 N N2    . DG  B 1 12 ? -12.411 12.992  1.721   1.00 20.86 ? 24 DG  B N2    1 
ATOM   491 N N3    . DG  B 1 12 ? -14.103 11.569  2.321   1.00 17.06 ? 24 DG  B N3    1 
ATOM   492 C C4    . DG  B 1 12 ? -15.062 10.766  1.814   1.00 18.62 ? 24 DG  B C4    1 
HETATM 493 O O     . HOH C 2 .  ? -3.625  12.608  9.697   1.00 9.19  ? 26 HOH A O     1 
HETATM 494 O O     . HOH C 2 .  ? -0.825  -9.074  4.559   1.00 28.36 ? 28 HOH A O     1 
HETATM 495 O O     . HOH C 2 .  ? -2.904  -8.781  1.304   1.00 32.68 ? 29 HOH A O     1 
HETATM 496 O O     . HOH C 2 .  ? -7.105  9.923   11.104  1.00 34.36 ? 31 HOH A O     1 
HETATM 497 O O     . HOH C 2 .  ? -4.632  -5.327  5.366   1.00 20.86 ? 33 HOH A O     1 
HETATM 498 O O     . HOH C 2 .  ? 7.100   0.021   -5.380  1.00 26.64 ? 34 HOH A O     1 
HETATM 499 O O     . HOH C 2 .  ? 4.046   -0.684  -4.334  1.00 22.92 ? 35 HOH A O     1 
HETATM 500 O O     . HOH C 2 .  ? 14.374  -9.724  -4.393  1.00 33.01 ? 37 HOH A O     1 
HETATM 501 O O     . HOH C 2 .  ? 16.848  -5.668  -5.704  1.00 23.77 ? 38 HOH A O     1 
HETATM 502 O O     . HOH C 2 .  ? -3.858  -7.996  4.027   1.00 25.99 ? 39 HOH A O     1 
HETATM 503 O O     . HOH C 2 .  ? -5.326  -9.259  6.921   1.00 26.55 ? 41 HOH A O     1 
HETATM 504 O O     . HOH C 2 .  ? 20.577  -4.884  -2.842  1.00 41.25 ? 44 HOH A O     1 
HETATM 505 O O     . HOH C 2 .  ? -3.707  10.934  -0.886  1.00 51.04 ? 46 HOH A O     1 
HETATM 506 O O     . HOH C 2 .  ? -1.410  -0.719  6.085   1.00 22.53 ? 48 HOH A O     1 
HETATM 507 O O     . HOH C 2 .  ? -1.555  -4.194  7.038   1.00 53.15 ? 49 HOH A O     1 
HETATM 508 O O     . HOH C 2 .  ? 3.107   -2.575  6.168   1.00 60.56 ? 50 HOH A O     1 
HETATM 509 O O     . HOH C 2 .  ? 2.355   0.580   6.341   1.00 54.98 ? 52 HOH A O     1 
HETATM 510 O O     . HOH C 2 .  ? -12.217 19.320  -4.950  1.00 44.29 ? 53 HOH A O     1 
HETATM 511 O O     . HOH C 2 .  ? 3.421   -10.257 -3.094  1.00 32.26 ? 54 HOH A O     1 
HETATM 512 O O     . HOH C 2 .  ? 7.881   -10.077 -5.658  1.00 31.13 ? 55 HOH A O     1 
HETATM 513 O O     . HOH C 2 .  ? 8.341   -12.411 -1.822  1.00 44.67 ? 56 HOH A O     1 
HETATM 514 O O     . HOH C 2 .  ? 18.569  -7.159  -3.368  1.00 33.03 ? 57 HOH A O     1 
HETATM 515 O O     . HOH C 2 .  ? 10.925  -0.351  -3.712  1.00 41.50 ? 58 HOH A O     1 
HETATM 516 O O     . HOH C 2 .  ? -3.669  3.152   11.332  1.00 44.68 ? 59 HOH A O     1 
HETATM 517 O O     . HOH C 2 .  ? -3.616  -0.389  8.300   1.00 49.03 ? 60 HOH A O     1 
HETATM 518 O O     . HOH C 2 .  ? -6.548  -0.960  12.935  1.00 21.39 ? 61 HOH A O     1 
HETATM 519 O O     . HOH C 2 .  ? 0.165   -12.105 4.628   1.00 52.24 ? 65 HOH A O     1 
HETATM 520 O O     . HOH C 2 .  ? -1.242  3.127   4.693   1.00 39.06 ? 66 HOH A O     1 
HETATM 521 O O     . HOH C 2 .  ? -1.459  4.900   7.588   1.00 51.40 ? 67 HOH A O     1 
HETATM 522 O O     . HOH C 2 .  ? 18.360  -1.753  -7.362  1.00 43.57 ? 70 HOH A O     1 
HETATM 523 O O     . HOH C 2 .  ? 1.512   -0.885  -6.084  1.00 39.52 ? 71 HOH A O     1 
HETATM 524 O O     . HOH C 2 .  ? 1.540   -3.953  -12.507 1.00 45.93 ? 72 HOH A O     1 
HETATM 525 O O     . HOH C 2 .  ? -4.687  -10.623 9.059   1.00 32.27 ? 80 HOH A O     1 
HETATM 526 O O     . HOH C 2 .  ? 0.950   -2.754  5.281   1.00 39.02 ? 82 HOH A O     1 
HETATM 527 O O     . HOH C 2 .  ? -6.859  -5.357  -6.956  1.00 60.71 ? 84 HOH A O     1 
HETATM 528 O O     . HOH C 2 .  ? -3.451  13.823  -0.382  1.00 41.23 ? 85 HOH A O     1 
HETATM 529 O O     . HOH C 2 .  ? -0.383  4.774   10.821  1.00 67.88 ? 86 HOH A O     1 
HETATM 530 O O     . HOH C 2 .  ? -1.437  -4.342  -9.215  1.00 46.86 ? 90 HOH A O     1 
HETATM 531 O O     . HOH C 2 .  ? -1.885  -4.127  -12.597 1.00 49.19 ? 92 HOH A O     1 
HETATM 532 O O     . HOH C 2 .  ? 17.051  -9.403  -6.509  1.00 57.19 ? 96 HOH A O     1 
HETATM 533 O O     . HOH D 2 .  ? 10.717  -18.350 6.689   1.00 29.94 ? 25 HOH B O     1 
HETATM 534 O O     . HOH D 2 .  ? -21.129 10.152  -3.791  1.00 33.51 ? 27 HOH B O     1 
HETATM 535 O O     . HOH D 2 .  ? -23.087 4.638   2.455   1.00 46.18 ? 30 HOH B O     1 
HETATM 536 O O     . HOH D 2 .  ? -4.219  6.614   -6.440  1.00 16.45 ? 32 HOH B O     1 
HETATM 537 O O     . HOH D 2 .  ? 5.011   -10.615 2.504   1.00 34.79 ? 36 HOH B O     1 
HETATM 538 O O     . HOH D 2 .  ? -17.967 9.212   -2.674  1.00 71.81 ? 40 HOH B O     1 
HETATM 539 O O     . HOH D 2 .  ? -22.214 5.716   -0.538  1.00 39.91 ? 42 HOH B O     1 
HETATM 540 O O     . HOH D 2 .  ? -7.185  10.482  -5.117  1.00 13.80 ? 43 HOH B O     1 
HETATM 541 O O     . HOH D 2 .  ? -16.138 2.648   -6.926  1.00 46.70 ? 45 HOH B O     1 
HETATM 542 O O     . HOH D 2 .  ? -3.426  9.285   -3.717  1.00 49.58 ? 47 HOH B O     1 
HETATM 543 O O     . HOH D 2 .  ? 3.616   -6.985  4.604   1.00 46.78 ? 51 HOH B O     1 
HETATM 544 O O     . HOH D 2 .  ? 11.370  5.405   -3.425  1.00 42.18 ? 62 HOH B O     1 
HETATM 545 O O     . HOH D 2 .  ? 0.609   7.446   -6.411  1.00 42.17 ? 63 HOH B O     1 
HETATM 546 O O     . HOH D 2 .  ? -3.890  5.224   -10.464 1.00 48.87 ? 64 HOH B O     1 
HETATM 547 O O     . HOH D 2 .  ? 2.709   2.898   3.684   1.00 17.23 ? 68 HOH B O     1 
HETATM 548 O O     . HOH D 2 .  ? 11.161  -1.123  -0.280  1.00 36.91 ? 69 HOH B O     1 
HETATM 549 O O     . HOH D 2 .  ? -8.695  -3.290  -3.852  1.00 30.16 ? 73 HOH B O     1 
HETATM 550 O O     . HOH D 2 .  ? -6.084  -1.681  -2.502  1.00 54.66 ? 74 HOH B O     1 
HETATM 551 O O     . HOH D 2 .  ? -10.582 4.364   -8.837  1.00 65.87 ? 75 HOH B O     1 
HETATM 552 O O     . HOH D 2 .  ? -10.323 0.255   1.463   1.00 58.54 ? 76 HOH B O     1 
HETATM 553 O O     . HOH D 2 .  ? -12.131 2.379   1.027   1.00 30.24 ? 77 HOH B O     1 
HETATM 554 O O     . HOH D 2 .  ? -12.425 -2.739  -1.399  1.00 55.47 ? 78 HOH B O     1 
HETATM 555 O O     . HOH D 2 .  ? -5.791  8.751   -3.806  1.00 23.76 ? 79 HOH B O     1 
HETATM 556 O O     . HOH D 2 .  ? -10.982 -0.353  -0.905  1.00 58.48 ? 81 HOH B O     1 
HETATM 557 O O     . HOH D 2 .  ? -4.576  -3.145  -7.677  1.00 52.79 ? 83 HOH B O     1 
HETATM 558 O O     . HOH D 2 .  ? -3.072  2.739   -12.749 1.00 46.37 ? 87 HOH B O     1 
HETATM 559 O O     . HOH D 2 .  ? -14.340 5.279   -7.009  1.00 50.73 ? 88 HOH B O     1 
HETATM 560 O O     . HOH D 2 .  ? -2.030  -2.207  -5.316  1.00 63.13 ? 89 HOH B O     1 
HETATM 561 O O     . HOH D 2 .  ? -1.008  -0.751  -12.224 1.00 50.80 ? 91 HOH B O     1 
HETATM 562 O O     . HOH D 2 .  ? -18.784 0.753   8.295   1.00 52.83 ? 93 HOH B O     1 
HETATM 563 O O     . HOH D 2 .  ? -22.580 2.128   3.872   1.00 50.90 ? 94 HOH B O     1 
HETATM 564 O O     . HOH D 2 .  ? -21.788 2.004   7.075   1.00 48.69 ? 95 HOH B O     1 
# 
